data_3CXO
#
_entry.id   3CXO
#
_cell.length_a   272.833
_cell.length_b   272.833
_cell.length_c   272.833
_cell.angle_alpha   90.00
_cell.angle_beta   90.00
_cell.angle_gamma   90.00
#
_symmetry.space_group_name_H-M   'F 4 3 2'
#
loop_
_entity.id
_entity.type
_entity.pdbx_description
1 polymer 'Putative galactonate dehydratase'
2 non-polymer '3,6-dideoxy-L-arabino-hexonic acid'
3 non-polymer 'MAGNESIUM ION'
4 non-polymer '(2R,4S)-2,4,7-trihydroxyheptanoic acid'
5 water water
#
_entity_poly.entity_id   1
_entity_poly.type   'polypeptide(L)'
_entity_poly.pdbx_seq_one_letter_code
;MSLENIMTLPKIKHVRAWFIGGATAEKGAGGGDYHDQGGNHWIDDHIATPMSKYRDYEQSRQSFGINVLGTLIVEVEAEN
RQTGFAVSTAGEMGCFIVEKHLNRFIEGKCVSDIKLIHDQMLGATMYYSGSGGLVMNTISCVDLALWDLFGKVVGLPVYK
LLGGAVRDEIQFYATGARPDLAKEMGFIGGKMPTHWGPHDGDAGIRKDAAMVADMREKCGPDFWLMLDCWMSQDVNYATK
LAHACAPFNLKWIEECLPPQQYEGYRELKRNAPAGMMVTSGEHHGTLQSFRTLAETGIDIMQPDVGWCGGLTTLVEIAAL
AKSRGQLVVPHGSSVYSHHAVITFTNTPFSEFLMTSPDCSTLRPQFDPILLDEPVPVNGRIHKSVLDKPGFGVELNRDCH
LKRPYSHEGHHHHHH
;
_entity_poly.pdbx_strand_id   A,B
#
loop_
_chem_comp.id
_chem_comp.type
_chem_comp.name
_chem_comp.formula
1N5 non-polymer '(2R,4S)-2,4,7-trihydroxyheptanoic acid' 'C7 H14 O5'
3LR L-saccharide '3,6-dideoxy-L-arabino-hexonic acid' 'C6 H12 O5'
MG non-polymer 'MAGNESIUM ION' 'Mg 2'
#
# COMPACT_ATOMS: atom_id res chain seq x y z
N ILE A 6 19.99 27.83 -26.22
CA ILE A 6 19.43 26.92 -25.18
C ILE A 6 18.06 27.43 -24.72
N MET A 7 17.16 26.50 -24.42
CA MET A 7 15.82 26.85 -23.97
C MET A 7 15.83 27.13 -22.47
N THR A 8 15.15 28.19 -22.07
CA THR A 8 15.06 28.57 -20.66
C THR A 8 13.83 27.91 -20.04
N LEU A 9 14.01 27.27 -18.89
CA LEU A 9 12.91 26.60 -18.22
C LEU A 9 12.55 27.24 -16.88
N PRO A 10 11.25 27.43 -16.63
CA PRO A 10 10.77 28.04 -15.38
C PRO A 10 10.76 27.03 -14.24
N LYS A 11 10.67 27.54 -13.02
CA LYS A 11 10.63 26.67 -11.85
C LYS A 11 9.16 26.40 -11.56
N ILE A 12 8.91 25.39 -10.73
CA ILE A 12 7.55 25.04 -10.35
C ILE A 12 7.17 25.97 -9.20
N LYS A 13 6.03 26.65 -9.35
CA LYS A 13 5.59 27.59 -8.33
C LYS A 13 4.58 26.98 -7.35
N HIS A 14 3.51 26.41 -7.90
CA HIS A 14 2.47 25.82 -7.07
C HIS A 14 2.05 24.44 -7.54
N VAL A 15 1.52 23.67 -6.59
CA VAL A 15 0.97 22.36 -6.87
C VAL A 15 -0.33 22.38 -6.08
N ARG A 16 -1.43 22.01 -6.75
CA ARG A 16 -2.73 22.00 -6.11
C ARG A 16 -3.47 20.71 -6.42
N ALA A 17 -4.29 20.28 -5.47
CA ALA A 17 -5.05 19.04 -5.65
C ALA A 17 -6.54 19.28 -5.42
N TRP A 18 -7.35 18.65 -6.27
CA TRP A 18 -8.80 18.73 -6.19
C TRP A 18 -9.33 17.32 -6.31
N PHE A 19 -10.62 17.15 -6.09
CA PHE A 19 -11.24 15.86 -6.23
C PHE A 19 -12.69 16.04 -6.63
N ILE A 20 -13.25 15.02 -7.27
CA ILE A 20 -14.65 15.02 -7.66
C ILE A 20 -15.08 13.58 -7.39
N GLY A 21 -16.36 13.37 -7.16
CA GLY A 21 -16.83 12.02 -6.87
C GLY A 21 -16.33 11.56 -5.51
N GLY A 22 -16.45 10.27 -5.24
CA GLY A 22 -16.00 9.76 -3.95
C GLY A 22 -17.07 9.87 -2.89
N ALA A 23 -16.80 9.28 -1.73
CA ALA A 23 -17.74 9.27 -0.61
C ALA A 23 -18.07 10.65 -0.04
N THR A 24 -17.25 11.65 -0.32
CA THR A 24 -17.51 13.00 0.18
C THR A 24 -17.93 13.99 -0.90
N ALA A 25 -18.38 13.47 -2.03
CA ALA A 25 -18.84 14.31 -3.14
C ALA A 25 -19.98 13.63 -3.88
N GLU A 26 -20.11 13.91 -5.17
CA GLU A 26 -21.18 13.34 -5.98
C GLU A 26 -20.90 11.94 -6.51
N LYS A 27 -21.72 10.98 -6.07
CA LYS A 27 -21.59 9.59 -6.48
C LYS A 27 -21.83 9.48 -7.99
N GLY A 28 -21.01 8.67 -8.66
CA GLY A 28 -21.17 8.48 -10.09
C GLY A 28 -20.53 9.58 -10.92
N ALA A 29 -19.56 10.28 -10.35
CA ALA A 29 -18.88 11.35 -11.05
C ALA A 29 -18.01 10.90 -12.23
N GLY A 30 -17.67 9.61 -12.26
CA GLY A 30 -16.84 9.10 -13.34
C GLY A 30 -15.44 9.70 -13.30
N GLY A 31 -14.98 10.19 -14.43
CA GLY A 31 -13.65 10.79 -14.49
C GLY A 31 -12.50 9.83 -14.25
N GLY A 32 -11.60 10.22 -13.34
CA GLY A 32 -10.44 9.39 -13.04
C GLY A 32 -10.75 8.03 -12.42
N ASP A 33 -11.77 7.97 -11.58
CA ASP A 33 -12.15 6.71 -10.94
C ASP A 33 -13.13 5.95 -11.84
N TYR A 34 -12.59 5.02 -12.62
CA TYR A 34 -13.36 4.21 -13.56
C TYR A 34 -14.65 3.62 -12.97
N HIS A 35 -14.59 3.25 -11.69
CA HIS A 35 -15.74 2.62 -11.04
C HIS A 35 -16.71 3.57 -10.35
N ASP A 36 -16.46 4.88 -10.44
CA ASP A 36 -17.38 5.82 -9.82
C ASP A 36 -18.48 6.13 -10.83
N GLN A 37 -19.29 5.11 -11.13
CA GLN A 37 -20.37 5.22 -12.10
C GLN A 37 -21.74 5.23 -11.43
N GLY A 38 -22.78 5.35 -12.25
CA GLY A 38 -24.14 5.35 -11.73
C GLY A 38 -24.70 3.95 -11.71
N GLY A 39 -26.03 3.83 -11.78
CA GLY A 39 -26.68 2.54 -11.78
C GLY A 39 -26.75 1.89 -13.15
N ASN A 40 -27.18 0.64 -13.19
CA ASN A 40 -27.30 -0.12 -14.43
C ASN A 40 -26.10 0.00 -15.36
N HIS A 41 -24.91 -0.10 -14.79
CA HIS A 41 -23.67 -0.02 -15.56
C HIS A 41 -23.07 -1.43 -15.64
N TRP A 42 -22.61 -1.83 -16.82
CA TRP A 42 -22.04 -3.17 -16.96
C TRP A 42 -20.87 -3.38 -16.00
N ILE A 43 -20.14 -2.31 -15.71
CA ILE A 43 -18.96 -2.41 -14.84
C ILE A 43 -19.28 -2.70 -13.38
N ASP A 44 -20.56 -2.78 -13.05
CA ASP A 44 -20.99 -3.07 -11.68
C ASP A 44 -22.02 -4.19 -11.71
N ASP A 45 -22.09 -4.91 -12.82
CA ASP A 45 -23.07 -5.97 -12.98
C ASP A 45 -22.62 -7.37 -12.57
N HIS A 46 -22.78 -7.68 -11.29
CA HIS A 46 -22.42 -8.99 -10.77
C HIS A 46 -21.01 -9.41 -11.18
N ILE A 47 -20.05 -8.51 -10.99
CA ILE A 47 -18.65 -8.79 -11.33
C ILE A 47 -18.01 -9.58 -10.19
N ALA A 48 -17.31 -10.67 -10.52
CA ALA A 48 -16.67 -11.49 -9.49
C ALA A 48 -15.54 -10.71 -8.82
N THR A 49 -15.48 -10.76 -7.49
CA THR A 49 -14.45 -10.04 -6.72
C THR A 49 -14.12 -10.83 -5.45
N PRO A 50 -13.14 -10.33 -4.66
CA PRO A 50 -12.80 -11.05 -3.43
C PRO A 50 -13.96 -10.94 -2.43
N MET A 51 -14.91 -10.06 -2.72
CA MET A 51 -16.08 -9.86 -1.85
C MET A 51 -17.39 -10.48 -2.34
N SER A 52 -17.44 -10.93 -3.59
CA SER A 52 -18.70 -11.49 -4.10
C SER A 52 -19.14 -12.80 -3.46
N LYS A 53 -18.29 -13.38 -2.62
CA LYS A 53 -18.65 -14.61 -1.91
C LYS A 53 -19.67 -14.25 -0.83
N TYR A 54 -19.75 -12.96 -0.51
CA TYR A 54 -20.70 -12.47 0.50
C TYR A 54 -21.99 -12.06 -0.20
N ARG A 55 -23.12 -12.64 0.22
CA ARG A 55 -24.39 -12.33 -0.43
C ARG A 55 -24.72 -10.85 -0.55
N ASP A 56 -24.40 -10.06 0.47
CA ASP A 56 -24.68 -8.62 0.43
C ASP A 56 -23.79 -7.85 -0.54
N TYR A 57 -22.70 -8.47 -0.97
CA TYR A 57 -21.75 -7.78 -1.85
C TYR A 57 -21.50 -8.52 -3.16
N GLU A 58 -22.38 -9.46 -3.49
CA GLU A 58 -22.22 -10.25 -4.72
C GLU A 58 -22.68 -9.53 -5.98
N GLN A 59 -23.84 -8.87 -5.93
CA GLN A 59 -24.38 -8.20 -7.10
C GLN A 59 -23.68 -6.91 -7.53
N SER A 60 -23.22 -6.13 -6.57
CA SER A 60 -22.61 -4.84 -6.84
C SER A 60 -21.27 -4.59 -6.17
N ARG A 61 -20.29 -4.11 -6.93
CA ARG A 61 -18.99 -3.80 -6.35
C ARG A 61 -19.14 -2.46 -5.63
N GLN A 62 -20.03 -1.61 -6.13
CA GLN A 62 -20.26 -0.33 -5.50
C GLN A 62 -20.75 -0.58 -4.06
N SER A 63 -21.52 -1.65 -3.88
CA SER A 63 -22.05 -1.96 -2.55
C SER A 63 -20.95 -2.17 -1.50
N PHE A 64 -19.80 -2.72 -1.89
CA PHE A 64 -18.74 -2.89 -0.90
C PHE A 64 -17.81 -1.69 -0.86
N GLY A 65 -18.09 -0.69 -1.70
CA GLY A 65 -17.30 0.53 -1.71
C GLY A 65 -16.19 0.69 -2.73
N ILE A 66 -16.37 0.13 -3.92
CA ILE A 66 -15.34 0.27 -4.95
C ILE A 66 -15.28 1.71 -5.46
N ASN A 67 -16.25 2.52 -5.03
CA ASN A 67 -16.36 3.90 -5.49
C ASN A 67 -16.15 4.98 -4.44
N VAL A 68 -15.64 4.61 -3.26
CA VAL A 68 -15.45 5.59 -2.19
C VAL A 68 -14.35 6.64 -2.40
N LEU A 69 -13.34 6.32 -3.17
CA LEU A 69 -12.22 7.24 -3.39
C LEU A 69 -12.51 8.39 -4.35
N GLY A 70 -13.09 8.08 -5.51
CA GLY A 70 -13.37 9.14 -6.46
C GLY A 70 -12.13 9.56 -7.20
N THR A 71 -12.22 10.71 -7.87
CA THR A 71 -11.12 11.23 -8.68
C THR A 71 -10.21 12.27 -8.04
N LEU A 72 -8.90 12.05 -8.19
CA LEU A 72 -7.91 12.99 -7.71
C LEU A 72 -7.41 13.79 -8.90
N ILE A 73 -7.33 15.11 -8.75
CA ILE A 73 -6.84 15.95 -9.82
C ILE A 73 -5.66 16.74 -9.27
N VAL A 74 -4.51 16.64 -9.94
CA VAL A 74 -3.31 17.36 -9.52
C VAL A 74 -2.90 18.32 -10.62
N GLU A 75 -2.68 19.58 -10.25
CA GLU A 75 -2.25 20.59 -11.20
C GLU A 75 -0.98 21.25 -10.68
N VAL A 76 0.02 21.34 -11.53
CA VAL A 76 1.28 21.96 -11.17
C VAL A 76 1.40 23.24 -12.00
N GLU A 77 1.73 24.35 -11.35
CA GLU A 77 1.86 25.62 -12.05
C GLU A 77 3.30 26.14 -12.02
N ALA A 78 3.81 26.52 -13.19
CA ALA A 78 5.17 27.03 -13.29
C ALA A 78 5.17 28.52 -12.99
N GLU A 79 6.36 29.08 -12.78
CA GLU A 79 6.51 30.49 -12.49
C GLU A 79 5.98 31.36 -13.63
N ASN A 80 6.01 30.82 -14.85
CA ASN A 80 5.53 31.57 -16.00
C ASN A 80 4.04 31.41 -16.21
N ARG A 81 3.36 30.87 -15.20
CA ARG A 81 1.92 30.67 -15.20
C ARG A 81 1.41 29.49 -16.05
N GLN A 82 2.32 28.79 -16.73
CA GLN A 82 1.90 27.62 -17.51
C GLN A 82 1.56 26.51 -16.54
N THR A 83 0.57 25.69 -16.89
CA THR A 83 0.16 24.61 -16.01
C THR A 83 0.13 23.24 -16.69
N GLY A 84 0.21 22.21 -15.86
CA GLY A 84 0.16 20.83 -16.31
C GLY A 84 -0.69 20.12 -15.28
N PHE A 85 -1.37 19.05 -15.67
CA PHE A 85 -2.22 18.35 -14.71
C PHE A 85 -2.41 16.91 -15.12
N ALA A 86 -3.04 16.14 -14.23
CA ALA A 86 -3.34 14.74 -14.47
C ALA A 86 -4.42 14.33 -13.48
N VAL A 87 -5.03 13.18 -13.73
CA VAL A 87 -6.07 12.68 -12.86
C VAL A 87 -5.79 11.22 -12.54
N SER A 88 -6.35 10.74 -11.45
CA SER A 88 -6.18 9.35 -11.04
C SER A 88 -7.24 9.04 -10.00
N THR A 89 -7.13 7.88 -9.36
CA THR A 89 -8.08 7.47 -8.34
C THR A 89 -7.47 7.63 -6.94
N ALA A 90 -8.02 8.55 -6.15
CA ALA A 90 -7.54 8.81 -4.80
C ALA A 90 -8.44 9.81 -4.07
N GLY A 91 -9.05 10.72 -4.82
CA GLY A 91 -9.96 11.69 -4.23
C GLY A 91 -9.41 12.56 -3.11
N GLU A 92 -10.24 12.76 -2.09
CA GLU A 92 -9.90 13.61 -0.96
C GLU A 92 -8.61 13.24 -0.24
N MET A 93 -8.41 11.95 0.05
CA MET A 93 -7.20 11.55 0.73
C MET A 93 -5.99 11.84 -0.15
N GLY A 94 -6.17 11.72 -1.46
CA GLY A 94 -5.07 12.02 -2.37
C GLY A 94 -4.70 13.48 -2.21
N CYS A 95 -5.70 14.33 -2.04
CA CYS A 95 -5.46 15.76 -1.86
C CYS A 95 -4.64 16.02 -0.59
N PHE A 96 -4.95 15.29 0.48
CA PHE A 96 -4.22 15.45 1.73
C PHE A 96 -2.73 15.17 1.47
N ILE A 97 -2.46 14.04 0.84
CA ILE A 97 -1.08 13.66 0.56
C ILE A 97 -0.32 14.69 -0.27
N VAL A 98 -0.97 15.25 -1.29
CA VAL A 98 -0.31 16.23 -2.15
C VAL A 98 -0.11 17.58 -1.46
N GLU A 99 -1.17 18.11 -0.86
CA GLU A 99 -1.13 19.40 -0.19
C GLU A 99 -0.41 19.45 1.16
N LYS A 100 -0.43 18.34 1.90
CA LYS A 100 0.20 18.31 3.22
C LYS A 100 1.53 17.58 3.33
N HIS A 101 1.99 16.97 2.23
CA HIS A 101 3.25 16.25 2.29
C HIS A 101 4.15 16.41 1.07
N LEU A 102 3.67 15.94 -0.08
CA LEU A 102 4.45 15.98 -1.31
C LEU A 102 4.80 17.36 -1.89
N ASN A 103 3.99 18.36 -1.59
CA ASN A 103 4.25 19.72 -2.09
C ASN A 103 5.67 20.19 -1.80
N ARG A 104 6.23 19.75 -0.68
CA ARG A 104 7.58 20.18 -0.30
C ARG A 104 8.68 19.71 -1.25
N PHE A 105 8.42 18.64 -2.00
CA PHE A 105 9.40 18.11 -2.94
C PHE A 105 9.18 18.66 -4.36
N ILE A 106 7.97 19.15 -4.59
CA ILE A 106 7.59 19.67 -5.90
C ILE A 106 7.89 21.14 -6.13
N GLU A 107 7.31 21.99 -5.29
CA GLU A 107 7.47 23.44 -5.42
C GLU A 107 8.92 23.88 -5.25
N GLY A 108 9.38 24.72 -6.18
CA GLY A 108 10.75 25.21 -6.11
C GLY A 108 11.67 24.48 -7.07
N LYS A 109 11.23 23.33 -7.56
CA LYS A 109 12.02 22.53 -8.49
C LYS A 109 11.90 23.06 -9.91
N CYS A 110 12.81 22.62 -10.78
CA CYS A 110 12.75 23.01 -12.19
C CYS A 110 11.69 22.10 -12.79
N VAL A 111 10.98 22.57 -13.81
CA VAL A 111 9.95 21.73 -14.44
C VAL A 111 10.55 20.46 -15.02
N SER A 112 11.87 20.44 -15.21
CA SER A 112 12.54 19.26 -15.75
C SER A 112 13.02 18.29 -14.67
N ASP A 113 12.88 18.65 -13.39
CA ASP A 113 13.32 17.78 -12.30
C ASP A 113 12.30 16.67 -12.01
N ILE A 114 11.73 16.09 -13.05
CA ILE A 114 10.72 15.03 -12.86
C ILE A 114 11.21 13.78 -12.14
N LYS A 115 12.32 13.20 -12.58
CA LYS A 115 12.81 11.98 -11.95
C LYS A 115 13.29 12.20 -10.52
N LEU A 116 13.79 13.40 -10.24
CA LEU A 116 14.25 13.73 -8.90
C LEU A 116 13.05 13.78 -7.96
N ILE A 117 12.02 14.51 -8.36
CA ILE A 117 10.80 14.65 -7.57
C ILE A 117 10.18 13.26 -7.37
N HIS A 118 10.24 12.44 -8.40
CA HIS A 118 9.66 11.10 -8.30
C HIS A 118 10.37 10.27 -7.24
N ASP A 119 11.70 10.30 -7.25
CA ASP A 119 12.47 9.54 -6.28
C ASP A 119 12.23 10.04 -4.86
N GLN A 120 12.08 11.35 -4.71
CA GLN A 120 11.85 11.92 -3.38
C GLN A 120 10.45 11.56 -2.88
N MET A 121 9.47 11.51 -3.78
CA MET A 121 8.12 11.15 -3.35
C MET A 121 8.12 9.70 -2.87
N LEU A 122 8.81 8.82 -3.59
CA LEU A 122 8.87 7.41 -3.19
C LEU A 122 9.61 7.24 -1.88
N GLY A 123 10.74 7.93 -1.75
CA GLY A 123 11.52 7.81 -0.52
C GLY A 123 10.82 8.36 0.70
N ALA A 124 10.15 9.50 0.54
CA ALA A 124 9.46 10.15 1.66
C ALA A 124 8.18 9.46 2.12
N THR A 125 7.55 8.69 1.23
CA THR A 125 6.31 8.01 1.57
C THR A 125 6.48 6.51 1.78
N MET A 126 7.70 6.02 1.65
CA MET A 126 7.95 4.58 1.80
C MET A 126 7.41 3.99 3.10
N TYR A 127 7.43 4.78 4.17
CA TYR A 127 6.96 4.26 5.46
C TYR A 127 5.45 4.07 5.55
N TYR A 128 4.68 4.59 4.59
CA TYR A 128 3.23 4.41 4.62
C TYR A 128 2.57 4.17 3.27
N SER A 129 3.36 4.05 2.21
CA SER A 129 2.78 3.85 0.88
C SER A 129 2.30 2.43 0.58
N GLY A 130 2.85 1.44 1.28
CA GLY A 130 2.45 0.06 1.03
C GLY A 130 2.87 -0.38 -0.37
N SER A 131 3.76 0.39 -1.00
CA SER A 131 4.25 0.07 -2.34
C SER A 131 3.14 -0.10 -3.40
N GLY A 132 1.98 0.52 -3.17
CA GLY A 132 0.90 0.39 -4.14
C GLY A 132 -0.40 0.94 -3.62
N GLY A 133 -1.43 0.93 -4.45
CA GLY A 133 -2.72 1.42 -4.01
C GLY A 133 -2.78 2.93 -3.85
N LEU A 134 -3.70 3.38 -2.99
CA LEU A 134 -3.96 4.79 -2.71
C LEU A 134 -2.78 5.75 -2.77
N VAL A 135 -1.76 5.52 -1.95
CA VAL A 135 -0.61 6.41 -1.93
C VAL A 135 0.14 6.42 -3.26
N MET A 136 0.31 5.26 -3.87
CA MET A 136 1.03 5.18 -5.14
C MET A 136 0.21 5.84 -6.25
N ASN A 137 -1.11 5.76 -6.15
CA ASN A 137 -1.99 6.39 -7.13
C ASN A 137 -1.75 7.90 -7.09
N THR A 138 -1.59 8.42 -5.87
CA THR A 138 -1.37 9.84 -5.66
C THR A 138 -0.02 10.26 -6.24
N ILE A 139 1.01 9.48 -5.97
CA ILE A 139 2.36 9.75 -6.48
C ILE A 139 2.32 9.74 -8.01
N SER A 140 1.63 8.75 -8.57
CA SER A 140 1.51 8.64 -10.02
C SER A 140 0.85 9.88 -10.61
N CYS A 141 -0.19 10.36 -9.95
CA CYS A 141 -0.90 11.54 -10.45
C CYS A 141 0.03 12.74 -10.51
N VAL A 142 0.87 12.90 -9.48
CA VAL A 142 1.81 14.03 -9.46
C VAL A 142 2.81 13.86 -10.60
N ASP A 143 3.33 12.64 -10.74
CA ASP A 143 4.30 12.35 -11.80
C ASP A 143 3.75 12.72 -13.17
N LEU A 144 2.52 12.32 -13.45
CA LEU A 144 1.89 12.60 -14.74
C LEU A 144 1.67 14.10 -14.92
N ALA A 145 1.27 14.79 -13.86
CA ALA A 145 1.05 16.22 -13.94
C ALA A 145 2.36 16.92 -14.30
N LEU A 146 3.47 16.42 -13.74
CA LEU A 146 4.78 17.00 -14.02
C LEU A 146 5.17 16.79 -15.47
N TRP A 147 4.95 15.59 -16.00
CA TRP A 147 5.28 15.33 -17.39
C TRP A 147 4.45 16.22 -18.30
N ASP A 148 3.16 16.37 -17.95
CA ASP A 148 2.25 17.20 -18.71
C ASP A 148 2.76 18.65 -18.73
N LEU A 149 3.11 19.16 -17.55
CA LEU A 149 3.61 20.53 -17.47
C LEU A 149 4.90 20.69 -18.28
N PHE A 150 5.82 19.74 -18.13
CA PHE A 150 7.10 19.81 -18.83
C PHE A 150 6.89 19.83 -20.35
N GLY A 151 6.03 18.94 -20.85
CA GLY A 151 5.77 18.90 -22.27
C GLY A 151 5.09 20.17 -22.76
N LYS A 152 4.18 20.71 -21.95
CA LYS A 152 3.49 21.94 -22.34
C LYS A 152 4.42 23.15 -22.31
N VAL A 153 5.40 23.11 -21.43
CA VAL A 153 6.36 24.21 -21.35
C VAL A 153 7.29 24.16 -22.56
N VAL A 154 7.74 22.95 -22.91
CA VAL A 154 8.63 22.75 -24.03
C VAL A 154 7.91 22.87 -25.37
N GLY A 155 6.62 22.54 -25.37
CA GLY A 155 5.83 22.61 -26.59
C GLY A 155 5.87 21.31 -27.37
N LEU A 156 6.03 20.19 -26.67
CA LEU A 156 6.08 18.90 -27.33
C LEU A 156 5.18 17.87 -26.66
N PRO A 157 4.66 16.92 -27.45
CA PRO A 157 3.81 15.90 -26.86
C PRO A 157 4.74 15.00 -26.05
N VAL A 158 4.22 14.40 -24.98
CA VAL A 158 5.06 13.54 -24.17
C VAL A 158 5.69 12.42 -24.99
N TYR A 159 4.95 11.86 -25.95
CA TYR A 159 5.49 10.76 -26.73
C TYR A 159 6.73 11.14 -27.53
N LYS A 160 6.88 12.42 -27.87
CA LYS A 160 8.09 12.81 -28.61
C LYS A 160 9.24 13.01 -27.64
N LEU A 161 8.95 13.47 -26.43
CA LEU A 161 9.99 13.68 -25.42
C LEU A 161 10.61 12.32 -25.08
N LEU A 162 9.79 11.29 -25.10
CA LEU A 162 10.23 9.93 -24.76
C LEU A 162 11.08 9.25 -25.83
N GLY A 163 11.09 9.77 -27.04
CA GLY A 163 11.87 9.14 -28.08
C GLY A 163 11.05 8.78 -29.31
N GLY A 164 9.86 9.36 -29.40
CA GLY A 164 9.00 9.14 -30.55
C GLY A 164 8.20 7.86 -30.64
N ALA A 165 7.22 7.87 -31.53
CA ALA A 165 6.37 6.71 -31.73
C ALA A 165 7.12 5.65 -32.53
N VAL A 166 6.80 4.38 -32.27
CA VAL A 166 7.43 3.29 -33.00
C VAL A 166 6.37 2.62 -33.85
N ARG A 167 5.21 3.28 -33.95
CA ARG A 167 4.08 2.83 -34.75
C ARG A 167 3.23 4.06 -35.06
N ASP A 168 2.57 4.06 -36.21
CA ASP A 168 1.77 5.21 -36.61
C ASP A 168 0.40 5.31 -35.96
N GLU A 169 -0.07 4.23 -35.37
CA GLU A 169 -1.36 4.25 -34.70
C GLU A 169 -1.41 3.20 -33.61
N ILE A 170 -2.25 3.43 -32.62
CA ILE A 170 -2.42 2.49 -31.53
C ILE A 170 -3.68 1.69 -31.81
N GLN A 171 -3.59 0.36 -31.77
CA GLN A 171 -4.76 -0.49 -31.98
C GLN A 171 -5.23 -0.94 -30.61
N PHE A 172 -6.54 -0.97 -30.43
CA PHE A 172 -7.13 -1.31 -29.14
C PHE A 172 -8.02 -2.52 -29.08
N TYR A 173 -8.10 -3.11 -27.89
CA TYR A 173 -9.03 -4.21 -27.64
C TYR A 173 -9.96 -3.50 -26.66
N ALA A 174 -11.21 -3.93 -26.56
CA ALA A 174 -12.13 -3.25 -25.66
C ALA A 174 -12.54 -4.12 -24.49
N THR A 175 -12.63 -3.49 -23.32
CA THR A 175 -13.03 -4.21 -22.11
C THR A 175 -14.46 -3.83 -21.79
N GLY A 176 -15.32 -4.85 -21.70
CA GLY A 176 -16.72 -4.62 -21.43
C GLY A 176 -17.53 -5.87 -21.68
N ALA A 177 -18.83 -5.77 -21.47
CA ALA A 177 -19.75 -6.89 -21.62
C ALA A 177 -20.16 -7.22 -23.05
N ARG A 178 -19.77 -6.39 -24.01
CA ARG A 178 -20.17 -6.64 -25.39
C ARG A 178 -19.05 -6.74 -26.43
N PRO A 179 -18.24 -7.81 -26.38
CA PRO A 179 -17.16 -7.98 -27.36
C PRO A 179 -17.70 -7.87 -28.80
N ASP A 180 -18.91 -8.40 -29.00
CA ASP A 180 -19.54 -8.37 -30.32
C ASP A 180 -19.75 -6.94 -30.82
N LEU A 181 -20.23 -6.06 -29.95
CA LEU A 181 -20.42 -4.66 -30.35
C LEU A 181 -19.07 -3.99 -30.58
N ALA A 182 -18.07 -4.42 -29.83
CA ALA A 182 -16.71 -3.87 -29.96
C ALA A 182 -16.11 -4.26 -31.33
N LYS A 183 -16.38 -5.48 -31.77
CA LYS A 183 -15.87 -5.91 -33.07
C LYS A 183 -16.43 -4.99 -34.15
N GLU A 184 -17.72 -4.66 -34.04
CA GLU A 184 -18.36 -3.78 -35.02
C GLU A 184 -17.72 -2.40 -34.98
N MET A 185 -17.26 -1.99 -33.80
CA MET A 185 -16.62 -0.68 -33.65
C MET A 185 -15.19 -0.63 -34.17
N GLY A 186 -14.64 -1.79 -34.51
CA GLY A 186 -13.28 -1.82 -35.03
C GLY A 186 -12.20 -2.31 -34.10
N PHE A 187 -12.55 -2.64 -32.86
CA PHE A 187 -11.55 -3.13 -31.91
C PHE A 187 -11.02 -4.49 -32.35
N ILE A 188 -9.80 -4.81 -31.93
CA ILE A 188 -9.16 -6.07 -32.29
C ILE A 188 -9.51 -7.22 -31.35
N GLY A 189 -10.20 -6.91 -30.26
CA GLY A 189 -10.55 -7.95 -29.32
C GLY A 189 -11.47 -7.45 -28.23
N GLY A 190 -11.98 -8.37 -27.41
CA GLY A 190 -12.87 -7.98 -26.33
C GLY A 190 -12.61 -8.75 -25.06
N LYS A 191 -12.38 -8.02 -23.97
CA LYS A 191 -12.12 -8.63 -22.69
C LYS A 191 -13.36 -8.50 -21.81
N MET A 192 -13.85 -9.64 -21.35
CA MET A 192 -15.04 -9.69 -20.51
C MET A 192 -14.68 -10.00 -19.06
N PRO A 193 -15.51 -9.52 -18.13
CA PRO A 193 -15.27 -9.78 -16.72
C PRO A 193 -15.95 -11.08 -16.34
N THR A 194 -15.37 -11.81 -15.39
CA THR A 194 -16.02 -13.03 -14.92
C THR A 194 -17.11 -12.57 -13.96
N HIS A 195 -18.19 -13.34 -13.90
CA HIS A 195 -19.29 -12.98 -13.02
C HIS A 195 -19.44 -13.93 -11.84
N TRP A 196 -18.74 -15.06 -11.90
CA TRP A 196 -18.83 -16.05 -10.84
C TRP A 196 -17.45 -16.35 -10.26
N GLY A 197 -17.40 -16.86 -9.04
CA GLY A 197 -16.12 -17.13 -8.41
C GLY A 197 -16.01 -18.51 -7.79
N PRO A 198 -14.91 -18.79 -7.07
CA PRO A 198 -14.67 -20.08 -6.43
C PRO A 198 -15.87 -20.64 -5.67
N HIS A 199 -16.59 -19.78 -4.96
CA HIS A 199 -17.74 -20.21 -4.19
C HIS A 199 -18.88 -20.73 -5.08
N ASP A 200 -18.80 -20.45 -6.38
CA ASP A 200 -19.81 -20.91 -7.32
C ASP A 200 -19.41 -22.26 -7.94
N GLY A 201 -18.18 -22.69 -7.68
CA GLY A 201 -17.71 -23.97 -8.18
C GLY A 201 -17.84 -24.25 -9.67
N ASP A 202 -18.16 -25.50 -10.00
CA ASP A 202 -18.28 -25.93 -11.39
C ASP A 202 -19.35 -25.17 -12.17
N ALA A 203 -20.43 -24.77 -11.50
CA ALA A 203 -21.48 -24.03 -12.17
C ALA A 203 -20.93 -22.65 -12.59
N GLY A 204 -20.15 -22.04 -11.71
CA GLY A 204 -19.57 -20.74 -12.02
C GLY A 204 -18.65 -20.84 -13.23
N ILE A 205 -17.85 -21.89 -13.27
CA ILE A 205 -16.92 -22.11 -14.37
C ILE A 205 -17.71 -22.32 -15.67
N ARG A 206 -18.73 -23.16 -15.59
CA ARG A 206 -19.57 -23.44 -16.75
C ARG A 206 -20.18 -22.16 -17.32
N LYS A 207 -20.74 -21.33 -16.43
CA LYS A 207 -21.38 -20.10 -16.84
C LYS A 207 -20.43 -19.07 -17.49
N ASP A 208 -19.30 -18.79 -16.87
CA ASP A 208 -18.39 -17.83 -17.47
C ASP A 208 -17.79 -18.39 -18.76
N ALA A 209 -17.55 -19.70 -18.81
CA ALA A 209 -17.00 -20.31 -20.02
C ALA A 209 -18.06 -20.23 -21.13
N ALA A 210 -19.32 -20.41 -20.76
CA ALA A 210 -20.41 -20.35 -21.75
C ALA A 210 -20.46 -18.94 -22.34
N MET A 211 -20.23 -17.96 -21.47
CA MET A 211 -20.22 -16.55 -21.88
C MET A 211 -19.15 -16.31 -22.95
N VAL A 212 -17.99 -16.94 -22.76
CA VAL A 212 -16.89 -16.80 -23.72
C VAL A 212 -17.27 -17.55 -25.00
N ALA A 213 -17.81 -18.75 -24.85
CA ALA A 213 -18.19 -19.57 -26.00
C ALA A 213 -19.16 -18.80 -26.89
N ASP A 214 -20.13 -18.14 -26.26
CA ASP A 214 -21.13 -17.36 -26.98
C ASP A 214 -20.50 -16.23 -27.79
N MET A 215 -19.58 -15.49 -27.20
CA MET A 215 -18.94 -14.40 -27.92
C MET A 215 -17.99 -14.91 -29.00
N ARG A 216 -17.44 -16.11 -28.82
CA ARG A 216 -16.56 -16.66 -29.84
C ARG A 216 -17.39 -16.96 -31.08
N GLU A 217 -18.60 -17.48 -30.86
CA GLU A 217 -19.49 -17.81 -31.96
C GLU A 217 -19.89 -16.51 -32.68
N LYS A 218 -20.19 -15.47 -31.90
CA LYS A 218 -20.60 -14.20 -32.49
C LYS A 218 -19.49 -13.36 -33.10
N CYS A 219 -18.28 -13.46 -32.57
CA CYS A 219 -17.17 -12.65 -33.06
C CYS A 219 -16.21 -13.26 -34.07
N GLY A 220 -16.23 -14.57 -34.23
CA GLY A 220 -15.31 -15.18 -35.18
C GLY A 220 -14.02 -15.62 -34.49
N PRO A 221 -13.16 -16.36 -35.18
CA PRO A 221 -11.88 -16.86 -34.63
C PRO A 221 -10.73 -15.88 -34.43
N ASP A 222 -10.64 -14.85 -35.26
CA ASP A 222 -9.51 -13.92 -35.15
C ASP A 222 -9.70 -12.76 -34.19
N PHE A 223 -10.94 -12.44 -33.84
CA PHE A 223 -11.21 -11.36 -32.89
C PHE A 223 -10.82 -11.94 -31.52
N TRP A 224 -9.91 -11.29 -30.81
CA TRP A 224 -9.47 -11.83 -29.52
C TRP A 224 -10.53 -11.77 -28.43
N LEU A 225 -10.50 -12.75 -27.54
CA LEU A 225 -11.41 -12.80 -26.40
C LEU A 225 -10.54 -13.05 -25.16
N MET A 226 -10.80 -12.30 -24.10
CA MET A 226 -10.05 -12.42 -22.86
C MET A 226 -10.99 -12.38 -21.66
N LEU A 227 -10.55 -12.90 -20.52
CA LEU A 227 -11.35 -12.86 -19.32
C LEU A 227 -10.61 -12.08 -18.25
N ASP A 228 -11.30 -11.13 -17.62
CA ASP A 228 -10.72 -10.35 -16.54
C ASP A 228 -11.34 -10.94 -15.25
N CYS A 229 -10.50 -11.33 -14.30
CA CYS A 229 -10.99 -11.99 -13.09
C CYS A 229 -10.88 -11.16 -11.81
N TRP A 230 -10.44 -9.93 -11.96
CA TRP A 230 -10.30 -8.97 -10.86
C TRP A 230 -10.00 -9.53 -9.46
N MET A 231 -8.84 -10.16 -9.32
CA MET A 231 -8.36 -10.70 -8.03
C MET A 231 -9.32 -11.64 -7.29
N SER A 232 -10.34 -12.13 -7.99
CA SER A 232 -11.38 -12.95 -7.35
C SER A 232 -11.24 -14.46 -7.23
N GLN A 233 -10.15 -15.04 -7.70
CA GLN A 233 -10.04 -16.49 -7.66
C GLN A 233 -8.88 -17.02 -6.83
N ASP A 234 -8.66 -18.32 -6.94
CA ASP A 234 -7.55 -18.98 -6.28
C ASP A 234 -6.91 -19.78 -7.41
N VAL A 235 -5.78 -20.41 -7.15
CA VAL A 235 -5.12 -21.16 -8.22
C VAL A 235 -5.95 -22.28 -8.86
N ASN A 236 -6.60 -23.11 -8.04
CA ASN A 236 -7.39 -24.21 -8.58
C ASN A 236 -8.57 -23.75 -9.46
N TYR A 237 -9.31 -22.76 -8.98
CA TYR A 237 -10.46 -22.26 -9.74
C TYR A 237 -9.99 -21.65 -11.06
N ALA A 238 -8.95 -20.84 -10.99
CA ALA A 238 -8.41 -20.18 -12.18
C ALA A 238 -7.91 -21.20 -13.19
N THR A 239 -7.31 -22.28 -12.69
CA THR A 239 -6.80 -23.33 -13.56
C THR A 239 -7.95 -24.01 -14.29
N LYS A 240 -9.01 -24.33 -13.56
CA LYS A 240 -10.17 -24.98 -14.16
C LYS A 240 -10.83 -24.06 -15.18
N LEU A 241 -10.96 -22.78 -14.84
CA LEU A 241 -11.60 -21.86 -15.77
C LEU A 241 -10.75 -21.71 -17.03
N ALA A 242 -9.43 -21.60 -16.86
CA ALA A 242 -8.54 -21.47 -18.01
C ALA A 242 -8.68 -22.66 -18.95
N HIS A 243 -8.69 -23.87 -18.39
CA HIS A 243 -8.84 -25.06 -19.22
C HIS A 243 -10.24 -25.17 -19.83
N ALA A 244 -11.24 -24.66 -19.13
CA ALA A 244 -12.61 -24.71 -19.65
C ALA A 244 -12.77 -23.74 -20.82
N CYS A 245 -11.87 -22.76 -20.92
CA CYS A 245 -11.95 -21.77 -21.99
C CYS A 245 -10.97 -22.03 -23.13
N ALA A 246 -10.09 -23.01 -22.95
CA ALA A 246 -9.11 -23.34 -23.98
C ALA A 246 -9.73 -23.69 -25.33
N PRO A 247 -10.84 -24.44 -25.33
CA PRO A 247 -11.49 -24.81 -26.59
C PRO A 247 -11.90 -23.61 -27.45
N PHE A 248 -12.03 -22.44 -26.82
CA PHE A 248 -12.43 -21.24 -27.53
C PHE A 248 -11.27 -20.30 -27.78
N ASN A 249 -10.06 -20.80 -27.58
CA ASN A 249 -8.86 -19.99 -27.81
C ASN A 249 -8.86 -18.66 -27.06
N LEU A 250 -9.20 -18.69 -25.78
CA LEU A 250 -9.18 -17.49 -24.97
C LEU A 250 -7.72 -17.01 -25.00
N LYS A 251 -7.49 -15.76 -25.38
CA LYS A 251 -6.14 -15.24 -25.49
C LYS A 251 -5.41 -15.17 -24.15
N TRP A 252 -6.09 -14.68 -23.13
CA TRP A 252 -5.46 -14.62 -21.80
C TRP A 252 -6.49 -14.56 -20.69
N ILE A 253 -6.07 -14.94 -19.48
CA ILE A 253 -6.95 -14.88 -18.32
C ILE A 253 -6.20 -13.93 -17.40
N GLU A 254 -6.87 -12.85 -17.01
CA GLU A 254 -6.28 -11.76 -16.25
C GLU A 254 -6.57 -11.59 -14.76
N GLU A 255 -5.52 -11.22 -14.04
CA GLU A 255 -5.56 -10.95 -12.60
C GLU A 255 -6.43 -11.91 -11.81
N CYS A 256 -6.15 -13.20 -11.94
CA CYS A 256 -6.92 -14.21 -11.23
C CYS A 256 -6.74 -14.14 -9.72
N LEU A 257 -5.58 -13.62 -9.28
CA LEU A 257 -5.26 -13.57 -7.86
C LEU A 257 -4.91 -12.20 -7.28
N PRO A 258 -5.07 -12.06 -5.95
CA PRO A 258 -4.75 -10.81 -5.25
C PRO A 258 -3.28 -10.52 -5.60
N PRO A 259 -2.89 -9.23 -5.65
CA PRO A 259 -1.52 -8.86 -5.98
C PRO A 259 -0.33 -9.46 -5.24
N GLN A 260 -0.47 -9.75 -3.95
CA GLN A 260 0.67 -10.31 -3.21
C GLN A 260 0.94 -11.77 -3.51
N GLN A 261 0.01 -12.43 -4.19
CA GLN A 261 0.17 -13.85 -4.45
C GLN A 261 1.08 -14.22 -5.62
N TYR A 262 2.32 -13.76 -5.55
CA TYR A 262 3.32 -14.02 -6.59
C TYR A 262 3.55 -15.51 -6.79
N GLU A 263 3.66 -16.25 -5.69
CA GLU A 263 3.90 -17.69 -5.77
C GLU A 263 2.74 -18.37 -6.47
N GLY A 264 1.53 -17.89 -6.20
CA GLY A 264 0.35 -18.46 -6.83
C GLY A 264 0.36 -18.17 -8.33
N TYR A 265 0.78 -16.98 -8.71
CA TYR A 265 0.83 -16.66 -10.14
C TYR A 265 1.82 -17.55 -10.87
N ARG A 266 2.94 -17.86 -10.22
CA ARG A 266 3.94 -18.73 -10.83
C ARG A 266 3.32 -20.10 -11.08
N GLU A 267 2.58 -20.58 -10.10
CA GLU A 267 1.94 -21.88 -10.23
C GLU A 267 0.84 -21.86 -11.30
N LEU A 268 0.03 -20.80 -11.31
CA LEU A 268 -1.05 -20.66 -12.29
C LEU A 268 -0.48 -20.66 -13.70
N LYS A 269 0.58 -19.88 -13.92
CA LYS A 269 1.20 -19.81 -15.24
C LYS A 269 1.68 -21.20 -15.67
N ARG A 270 2.25 -21.96 -14.73
CA ARG A 270 2.70 -23.29 -15.09
C ARG A 270 1.53 -24.21 -15.46
N ASN A 271 0.40 -24.04 -14.77
CA ASN A 271 -0.80 -24.85 -15.01
C ASN A 271 -1.60 -24.43 -16.24
N ALA A 272 -1.33 -23.24 -16.78
CA ALA A 272 -2.09 -22.74 -17.92
C ALA A 272 -2.05 -23.60 -19.18
N PRO A 273 -3.17 -23.62 -19.92
CA PRO A 273 -3.27 -24.38 -21.16
C PRO A 273 -2.20 -23.86 -22.14
N ALA A 274 -1.62 -24.74 -22.93
CA ALA A 274 -0.59 -24.34 -23.88
C ALA A 274 -1.01 -23.17 -24.76
N GLY A 275 -0.18 -22.13 -24.81
CA GLY A 275 -0.49 -21.00 -25.65
C GLY A 275 -1.39 -19.94 -25.02
N MET A 276 -2.06 -20.31 -23.93
CA MET A 276 -2.93 -19.35 -23.25
C MET A 276 -2.11 -18.50 -22.29
N MET A 277 -2.25 -17.19 -22.37
CA MET A 277 -1.47 -16.31 -21.51
C MET A 277 -2.12 -16.00 -20.17
N VAL A 278 -1.28 -15.72 -19.19
CA VAL A 278 -1.74 -15.36 -17.84
C VAL A 278 -1.16 -13.98 -17.61
N THR A 279 -2.02 -13.05 -17.19
CA THR A 279 -1.59 -11.67 -16.97
C THR A 279 -2.04 -11.12 -15.63
N SER A 280 -1.48 -9.98 -15.27
CA SER A 280 -1.81 -9.28 -14.03
C SER A 280 -0.97 -8.00 -13.97
N GLY A 281 -1.11 -7.25 -12.88
CA GLY A 281 -0.31 -6.04 -12.72
C GLY A 281 -1.01 -4.70 -12.51
N GLU A 282 -2.28 -4.59 -12.87
CA GLU A 282 -2.96 -3.31 -12.72
C GLU A 282 -2.98 -2.81 -11.28
N HIS A 283 -2.93 -3.70 -10.32
CA HIS A 283 -2.93 -3.26 -8.92
C HIS A 283 -1.56 -3.24 -8.27
N HIS A 284 -0.52 -3.60 -9.03
CA HIS A 284 0.83 -3.57 -8.47
C HIS A 284 1.43 -2.18 -8.59
N GLY A 285 2.40 -1.89 -7.73
CA GLY A 285 3.05 -0.58 -7.75
C GLY A 285 4.52 -0.69 -7.39
N THR A 286 5.31 0.25 -7.91
CA THR A 286 6.77 0.32 -7.72
C THR A 286 7.49 -0.64 -8.65
N LEU A 287 8.63 -0.20 -9.16
CA LEU A 287 9.40 -1.02 -10.08
C LEU A 287 9.79 -2.37 -9.47
N GLN A 288 10.16 -2.36 -8.18
CA GLN A 288 10.57 -3.59 -7.52
C GLN A 288 9.46 -4.64 -7.48
N SER A 289 8.22 -4.22 -7.28
CA SER A 289 7.10 -5.18 -7.26
C SER A 289 6.97 -5.84 -8.63
N PHE A 290 7.14 -5.05 -9.70
CA PHE A 290 7.04 -5.60 -11.04
C PHE A 290 8.20 -6.53 -11.37
N ARG A 291 9.33 -6.37 -10.70
CA ARG A 291 10.47 -7.25 -10.91
C ARG A 291 10.03 -8.62 -10.38
N THR A 292 9.43 -8.61 -9.18
CA THR A 292 8.96 -9.85 -8.58
C THR A 292 7.85 -10.46 -9.43
N LEU A 293 6.93 -9.62 -9.89
CA LEU A 293 5.84 -10.09 -10.73
C LEU A 293 6.35 -10.72 -12.03
N ALA A 294 7.29 -10.04 -12.69
CA ALA A 294 7.85 -10.56 -13.93
C ALA A 294 8.49 -11.93 -13.75
N GLU A 295 9.17 -12.12 -12.63
CA GLU A 295 9.83 -13.40 -12.38
C GLU A 295 8.89 -14.59 -12.11
N THR A 296 7.60 -14.33 -11.98
CA THR A 296 6.63 -15.41 -11.77
C THR A 296 6.40 -16.07 -13.12
N GLY A 297 6.82 -15.41 -14.19
CA GLY A 297 6.66 -15.97 -15.52
C GLY A 297 5.40 -15.60 -16.26
N ILE A 298 4.54 -14.76 -15.68
CA ILE A 298 3.33 -14.38 -16.41
C ILE A 298 3.74 -13.68 -17.71
N ASP A 299 2.89 -13.81 -18.71
CA ASP A 299 3.14 -13.27 -20.04
C ASP A 299 3.08 -11.77 -20.24
N ILE A 300 2.12 -11.12 -19.59
CA ILE A 300 1.94 -9.68 -19.75
C ILE A 300 1.66 -8.97 -18.43
N MET A 301 2.42 -7.92 -18.17
CA MET A 301 2.20 -7.12 -16.97
C MET A 301 1.37 -5.92 -17.41
N GLN A 302 0.37 -5.59 -16.60
CA GLN A 302 -0.55 -4.53 -16.96
C GLN A 302 -0.67 -3.38 -15.97
N PRO A 303 0.44 -2.67 -15.71
CA PRO A 303 0.33 -1.55 -14.77
C PRO A 303 -0.61 -0.45 -15.27
N ASP A 304 -1.23 0.28 -14.35
CA ASP A 304 -2.08 1.40 -14.72
C ASP A 304 -1.10 2.57 -14.52
N VAL A 305 -0.95 3.41 -15.53
CA VAL A 305 -0.01 4.52 -15.42
C VAL A 305 -0.31 5.42 -14.22
N GLY A 306 -1.58 5.57 -13.90
CA GLY A 306 -1.94 6.42 -12.77
C GLY A 306 -1.92 5.72 -11.42
N TRP A 307 -1.57 4.43 -11.40
CA TRP A 307 -1.55 3.66 -10.15
C TRP A 307 -0.20 3.02 -9.84
N CYS A 308 0.56 2.69 -10.88
CA CYS A 308 1.83 1.99 -10.70
C CYS A 308 3.00 2.84 -10.22
N GLY A 309 2.83 4.16 -10.27
CA GLY A 309 3.88 5.06 -9.87
C GLY A 309 4.04 6.21 -10.85
N GLY A 310 3.29 6.15 -11.95
CA GLY A 310 3.34 7.20 -12.95
C GLY A 310 4.06 6.80 -14.23
N LEU A 311 4.21 7.76 -15.14
CA LEU A 311 4.88 7.51 -16.40
C LEU A 311 6.33 7.13 -16.18
N THR A 312 6.98 7.81 -15.23
CA THR A 312 8.37 7.54 -14.92
C THR A 312 8.58 6.07 -14.60
N THR A 313 7.66 5.49 -13.82
CA THR A 313 7.74 4.09 -13.45
C THR A 313 7.33 3.18 -14.62
N LEU A 314 6.29 3.55 -15.35
CA LEU A 314 5.83 2.76 -16.47
C LEU A 314 6.95 2.52 -17.48
N VAL A 315 7.71 3.56 -17.80
CA VAL A 315 8.80 3.41 -18.75
C VAL A 315 9.83 2.40 -18.27
N GLU A 316 10.06 2.34 -16.96
CA GLU A 316 11.01 1.39 -16.40
C GLU A 316 10.42 -0.02 -16.48
N ILE A 317 9.13 -0.16 -16.20
CA ILE A 317 8.46 -1.45 -16.27
C ILE A 317 8.53 -1.99 -17.70
N ALA A 318 8.39 -1.10 -18.68
CA ALA A 318 8.44 -1.51 -20.08
C ALA A 318 9.82 -2.09 -20.41
N ALA A 319 10.87 -1.46 -19.90
CA ALA A 319 12.23 -1.92 -20.14
C ALA A 319 12.44 -3.28 -19.48
N LEU A 320 11.91 -3.43 -18.28
CA LEU A 320 12.01 -4.67 -17.53
C LEU A 320 11.38 -5.79 -18.37
N ALA A 321 10.14 -5.56 -18.81
CA ALA A 321 9.45 -6.56 -19.62
C ALA A 321 10.21 -6.84 -20.91
N LYS A 322 10.64 -5.80 -21.59
CA LYS A 322 11.37 -5.95 -22.84
C LYS A 322 12.66 -6.76 -22.68
N SER A 323 13.35 -6.57 -21.56
CA SER A 323 14.59 -7.29 -21.34
C SER A 323 14.34 -8.80 -21.23
N ARG A 324 13.10 -9.16 -20.91
CA ARG A 324 12.73 -10.56 -20.73
C ARG A 324 11.88 -11.10 -21.88
N GLY A 325 11.54 -10.24 -22.83
CA GLY A 325 10.72 -10.66 -23.95
C GLY A 325 9.24 -10.67 -23.60
N GLN A 326 8.91 -10.05 -22.46
CA GLN A 326 7.53 -9.97 -22.03
C GLN A 326 6.91 -8.71 -22.63
N LEU A 327 5.59 -8.64 -22.65
CA LEU A 327 4.90 -7.49 -23.19
C LEU A 327 4.32 -6.69 -22.04
N VAL A 328 4.13 -5.40 -22.27
CA VAL A 328 3.53 -4.56 -21.27
C VAL A 328 2.34 -3.90 -21.95
N VAL A 329 1.16 -4.17 -21.41
CA VAL A 329 -0.08 -3.60 -21.94
C VAL A 329 -0.79 -2.95 -20.77
N PRO A 330 -0.56 -1.63 -20.57
CA PRO A 330 -1.17 -0.88 -19.48
C PRO A 330 -2.68 -1.00 -19.35
N HIS A 331 -3.16 -0.81 -18.13
CA HIS A 331 -4.57 -0.84 -17.81
C HIS A 331 -5.18 0.54 -18.07
N GLY A 332 -6.14 0.62 -19.00
CA GLY A 332 -6.80 1.89 -19.31
C GLY A 332 -5.83 3.06 -19.44
N SER A 333 -6.03 4.08 -18.61
CA SER A 333 -5.18 5.27 -18.55
C SER A 333 -5.28 6.32 -19.65
N SER A 334 -6.10 6.08 -20.68
CA SER A 334 -6.28 7.07 -21.73
C SER A 334 -4.96 7.68 -22.23
N VAL A 335 -4.92 9.00 -22.43
CA VAL A 335 -3.71 9.66 -22.94
C VAL A 335 -2.43 9.40 -22.14
N TYR A 336 -2.54 9.16 -20.85
CA TYR A 336 -1.37 8.90 -20.03
C TYR A 336 -0.68 7.62 -20.46
N SER A 337 -1.47 6.67 -20.99
CA SER A 337 -0.89 5.44 -21.49
C SER A 337 -0.51 5.63 -22.97
N HIS A 338 -1.40 6.25 -23.74
CA HIS A 338 -1.16 6.47 -25.17
C HIS A 338 0.21 7.04 -25.51
N HIS A 339 0.58 8.13 -24.85
CA HIS A 339 1.87 8.78 -25.12
C HIS A 339 3.05 7.88 -24.78
N ALA A 340 2.87 6.95 -23.84
CA ALA A 340 3.96 6.07 -23.47
C ALA A 340 4.03 4.85 -24.37
N VAL A 341 2.93 4.12 -24.46
CA VAL A 341 2.88 2.89 -25.24
C VAL A 341 3.13 3.04 -26.74
N ILE A 342 2.80 4.19 -27.32
CA ILE A 342 3.03 4.38 -28.75
C ILE A 342 4.55 4.40 -29.00
N THR A 343 5.33 4.55 -27.94
CA THR A 343 6.79 4.56 -28.06
C THR A 343 7.40 3.23 -27.62
N PHE A 344 6.58 2.30 -27.16
CA PHE A 344 7.07 0.99 -26.69
C PHE A 344 6.98 -0.08 -27.78
N THR A 345 8.12 -0.65 -28.14
CA THR A 345 8.12 -1.71 -29.14
C THR A 345 7.37 -2.91 -28.58
N ASN A 346 7.38 -3.08 -27.26
CA ASN A 346 6.71 -4.22 -26.66
C ASN A 346 5.29 -3.99 -26.14
N THR A 347 4.60 -3.02 -26.74
CA THR A 347 3.20 -2.75 -26.40
C THR A 347 2.50 -2.66 -27.77
N PRO A 348 2.33 -3.81 -28.44
CA PRO A 348 1.70 -3.94 -29.74
C PRO A 348 0.22 -3.55 -29.83
N PHE A 349 -0.44 -3.49 -28.69
CA PHE A 349 -1.84 -3.12 -28.66
C PHE A 349 -2.15 -2.52 -27.29
N SER A 350 -3.30 -1.88 -27.17
CA SER A 350 -3.65 -1.24 -25.91
C SER A 350 -5.09 -1.50 -25.51
N GLU A 351 -5.45 -1.07 -24.30
CA GLU A 351 -6.80 -1.27 -23.78
C GLU A 351 -7.66 -0.02 -23.73
N PHE A 352 -8.94 -0.22 -24.01
CA PHE A 352 -9.93 0.83 -23.92
C PHE A 352 -11.01 0.22 -23.02
N LEU A 353 -11.16 0.76 -21.82
CA LEU A 353 -12.14 0.26 -20.86
C LEU A 353 -13.45 1.01 -21.05
N MET A 354 -14.47 0.30 -21.52
CA MET A 354 -15.78 0.89 -21.78
C MET A 354 -16.42 1.59 -20.59
N THR A 355 -16.60 2.91 -20.70
CA THR A 355 -17.25 3.68 -19.64
C THR A 355 -18.74 3.82 -20.00
N SER A 356 -19.08 3.40 -21.21
CA SER A 356 -20.46 3.42 -21.68
C SER A 356 -21.20 2.38 -20.84
N PRO A 357 -22.32 2.77 -20.19
CA PRO A 357 -23.08 1.83 -19.36
C PRO A 357 -23.39 0.48 -20.01
N ASP A 358 -23.73 0.50 -21.31
CA ASP A 358 -24.05 -0.74 -22.00
C ASP A 358 -23.07 -1.11 -23.11
N CYS A 359 -21.88 -0.51 -23.06
CA CYS A 359 -20.81 -0.78 -24.02
C CYS A 359 -21.22 -0.62 -25.48
N SER A 360 -22.13 0.32 -25.75
CA SER A 360 -22.60 0.56 -27.11
C SER A 360 -22.00 1.80 -27.75
N THR A 361 -21.38 2.67 -26.95
CA THR A 361 -20.79 3.90 -27.47
C THR A 361 -19.37 4.15 -26.98
N LEU A 362 -18.66 5.03 -27.68
CA LEU A 362 -17.28 5.34 -27.33
C LEU A 362 -17.14 6.51 -26.35
N ARG A 363 -17.85 6.43 -25.24
CA ARG A 363 -17.75 7.46 -24.22
C ARG A 363 -16.27 7.52 -23.82
N PRO A 364 -15.68 8.72 -23.74
CA PRO A 364 -14.27 8.85 -23.36
C PRO A 364 -13.89 8.09 -22.10
N GLN A 365 -12.67 7.54 -22.10
CA GLN A 365 -12.14 6.75 -20.97
C GLN A 365 -12.27 7.45 -19.62
N PHE A 366 -11.95 8.74 -19.57
CA PHE A 366 -12.04 9.49 -18.33
C PHE A 366 -13.16 10.52 -18.34
N ASP A 367 -14.20 10.27 -19.13
CA ASP A 367 -15.32 11.20 -19.22
C ASP A 367 -15.85 11.48 -17.81
N PRO A 368 -16.13 12.76 -17.48
CA PRO A 368 -16.00 13.95 -18.34
C PRO A 368 -14.91 14.90 -17.87
N ILE A 369 -14.01 14.43 -17.01
CA ILE A 369 -12.95 15.28 -16.47
C ILE A 369 -11.90 15.81 -17.46
N LEU A 370 -11.73 15.12 -18.59
CA LEU A 370 -10.76 15.56 -19.59
C LEU A 370 -11.41 16.20 -20.82
N LEU A 371 -11.00 17.42 -21.14
CA LEU A 371 -11.56 18.12 -22.31
C LEU A 371 -10.78 17.65 -23.54
N ASP A 372 -11.51 17.43 -24.64
CA ASP A 372 -10.89 17.00 -25.90
C ASP A 372 -10.17 15.66 -25.73
N GLU A 373 -10.74 14.78 -24.91
CA GLU A 373 -10.11 13.49 -24.70
C GLU A 373 -10.30 12.61 -25.93
N PRO A 374 -9.19 12.12 -26.50
CA PRO A 374 -9.24 11.26 -27.69
C PRO A 374 -9.92 9.93 -27.37
N VAL A 375 -10.59 9.37 -28.37
CA VAL A 375 -11.23 8.08 -28.23
C VAL A 375 -10.88 7.30 -29.48
N PRO A 376 -10.77 5.97 -29.37
CA PRO A 376 -10.43 5.24 -30.60
C PRO A 376 -11.53 5.35 -31.65
N VAL A 377 -11.11 5.56 -32.88
CA VAL A 377 -12.03 5.65 -34.01
C VAL A 377 -11.72 4.42 -34.86
N ASN A 378 -12.71 3.54 -34.97
CA ASN A 378 -12.54 2.30 -35.70
C ASN A 378 -11.46 1.48 -34.99
N GLY A 379 -11.48 1.52 -33.66
CA GLY A 379 -10.55 0.77 -32.84
C GLY A 379 -9.12 1.27 -32.84
N ARG A 380 -8.90 2.50 -33.31
CA ARG A 380 -7.54 3.01 -33.35
C ARG A 380 -7.40 4.50 -33.04
N ILE A 381 -6.22 4.88 -32.59
CA ILE A 381 -5.92 6.28 -32.34
C ILE A 381 -4.64 6.57 -33.12
N HIS A 382 -4.76 7.42 -34.14
CA HIS A 382 -3.63 7.78 -34.97
C HIS A 382 -2.66 8.64 -34.16
N LYS A 383 -1.36 8.50 -34.39
CA LYS A 383 -0.40 9.29 -33.61
C LYS A 383 -0.60 10.79 -33.78
N SER A 384 -1.12 11.22 -34.93
CA SER A 384 -1.34 12.65 -35.16
C SER A 384 -2.32 13.20 -34.13
N VAL A 385 -3.23 12.36 -33.67
CA VAL A 385 -4.22 12.76 -32.67
C VAL A 385 -3.54 13.15 -31.37
N LEU A 386 -2.37 12.55 -31.11
CA LEU A 386 -1.62 12.81 -29.89
C LEU A 386 -0.58 13.91 -30.06
N ASP A 387 -0.59 14.55 -31.22
CA ASP A 387 0.40 15.58 -31.49
C ASP A 387 0.06 16.94 -30.89
N LYS A 388 0.02 16.99 -29.57
CA LYS A 388 -0.25 18.22 -28.84
C LYS A 388 0.66 18.25 -27.61
N PRO A 389 0.96 19.45 -27.10
CA PRO A 389 1.84 19.57 -25.93
C PRO A 389 1.40 18.74 -24.73
N GLY A 390 2.39 18.19 -24.01
CA GLY A 390 2.10 17.36 -22.84
C GLY A 390 1.26 16.16 -23.26
N PHE A 391 0.22 15.87 -22.48
CA PHE A 391 -0.66 14.76 -22.78
C PHE A 391 -1.84 15.21 -23.66
N GLY A 392 -1.74 16.45 -24.16
CA GLY A 392 -2.74 16.97 -25.07
C GLY A 392 -4.17 17.26 -24.65
N VAL A 393 -4.45 17.31 -23.35
CA VAL A 393 -5.80 17.60 -22.91
C VAL A 393 -5.84 18.72 -21.87
N GLU A 394 -7.04 19.23 -21.62
CA GLU A 394 -7.23 20.30 -20.65
C GLU A 394 -8.22 19.83 -19.59
N LEU A 395 -8.14 20.42 -18.41
CA LEU A 395 -9.01 20.05 -17.31
C LEU A 395 -10.41 20.63 -17.47
N ASN A 396 -11.42 19.78 -17.33
CA ASN A 396 -12.80 20.25 -17.46
C ASN A 396 -13.17 20.96 -16.16
N ARG A 397 -12.91 22.26 -16.13
CA ARG A 397 -13.18 23.07 -14.94
C ARG A 397 -14.67 23.19 -14.64
N ASP A 398 -15.51 22.75 -15.58
CA ASP A 398 -16.95 22.82 -15.39
C ASP A 398 -17.40 21.80 -14.35
N CYS A 399 -16.61 20.75 -14.17
CA CYS A 399 -16.93 19.75 -13.17
C CYS A 399 -16.86 20.44 -11.82
N HIS A 400 -17.55 19.89 -10.83
CA HIS A 400 -17.56 20.50 -9.51
C HIS A 400 -16.34 20.10 -8.68
N LEU A 401 -15.18 20.63 -9.06
CA LEU A 401 -13.94 20.33 -8.36
C LEU A 401 -13.95 20.89 -6.95
N LYS A 402 -13.50 20.09 -6.01
CA LYS A 402 -13.45 20.50 -4.61
C LYS A 402 -12.00 20.53 -4.15
N ARG A 403 -11.66 21.57 -3.39
CA ARG A 403 -10.31 21.77 -2.87
C ARG A 403 -10.35 21.62 -1.35
N PRO A 404 -10.29 20.38 -0.84
CA PRO A 404 -10.33 20.13 0.61
C PRO A 404 -9.15 20.64 1.42
N TYR A 405 -8.00 20.79 0.78
CA TYR A 405 -6.81 21.26 1.49
C TYR A 405 -6.03 22.32 0.72
N SER A 406 -5.25 23.10 1.45
CA SER A 406 -4.41 24.14 0.87
C SER A 406 -3.15 24.21 1.70
N HIS A 407 -2.15 24.97 1.25
CA HIS A 407 -0.91 25.08 2.01
C HIS A 407 -0.21 26.39 1.73
N ILE B 6 -25.44 -19.60 28.80
CA ILE B 6 -24.68 -18.96 27.68
C ILE B 6 -24.66 -17.44 27.85
N MET B 7 -23.54 -16.83 27.46
CA MET B 7 -23.39 -15.39 27.58
C MET B 7 -24.03 -14.68 26.39
N THR B 8 -24.76 -13.60 26.67
CA THR B 8 -25.42 -12.84 25.63
C THR B 8 -24.49 -11.72 25.16
N LEU B 9 -24.34 -11.59 23.84
CA LEU B 9 -23.46 -10.58 23.28
C LEU B 9 -24.22 -9.52 22.51
N PRO B 10 -23.88 -8.23 22.71
CA PRO B 10 -24.54 -7.13 22.02
C PRO B 10 -23.99 -6.96 20.61
N LYS B 11 -24.72 -6.21 19.78
CA LYS B 11 -24.28 -5.93 18.42
C LYS B 11 -23.47 -4.64 18.46
N ILE B 12 -22.72 -4.39 17.40
CA ILE B 12 -21.93 -3.18 17.29
C ILE B 12 -22.87 -2.09 16.79
N LYS B 13 -22.92 -0.97 17.50
CA LYS B 13 -23.81 0.12 17.13
C LYS B 13 -23.11 1.20 16.31
N HIS B 14 -22.01 1.71 16.84
CA HIS B 14 -21.27 2.77 16.17
C HIS B 14 -19.78 2.52 16.10
N VAL B 15 -19.15 3.13 15.11
CA VAL B 15 -17.71 3.10 14.96
C VAL B 15 -17.37 4.55 14.65
N ARG B 16 -16.39 5.09 15.37
CA ARG B 16 -16.00 6.47 15.18
C ARG B 16 -14.48 6.58 15.12
N ALA B 17 -14.00 7.55 14.35
CA ALA B 17 -12.58 7.76 14.20
C ALA B 17 -12.19 9.19 14.50
N TRP B 18 -11.07 9.35 15.19
CA TRP B 18 -10.52 10.65 15.56
C TRP B 18 -9.05 10.63 15.22
N PHE B 19 -8.40 11.79 15.31
CA PHE B 19 -6.98 11.86 15.08
C PHE B 19 -6.39 13.00 15.88
N ILE B 20 -5.10 12.90 16.17
CA ILE B 20 -4.38 13.93 16.89
C ILE B 20 -3.03 13.98 16.17
N GLY B 21 -2.35 15.12 16.25
CA GLY B 21 -1.07 15.23 15.57
C GLY B 21 -1.26 15.22 14.05
N GLY B 22 -0.17 15.05 13.32
CA GLY B 22 -0.28 15.04 11.87
C GLY B 22 -0.21 16.44 11.28
N ALA B 23 -0.13 16.51 9.96
CA ALA B 23 -0.03 17.77 9.24
C ALA B 23 -1.22 18.71 9.41
N THR B 24 -2.36 18.19 9.86
CA THR B 24 -3.54 19.03 10.04
C THR B 24 -3.91 19.25 11.51
N ALA B 25 -2.96 19.00 12.40
CA ALA B 25 -3.19 19.19 13.83
C ALA B 25 -1.89 19.66 14.51
N GLU B 26 -1.72 19.31 15.78
CA GLU B 26 -0.55 19.72 16.54
C GLU B 26 0.67 18.84 16.34
N LYS B 27 1.72 19.43 15.78
CA LYS B 27 2.97 18.72 15.53
C LYS B 27 3.59 18.27 16.85
N GLY B 28 4.11 17.04 16.88
CA GLY B 28 4.73 16.51 18.08
C GLY B 28 3.74 15.95 19.09
N ALA B 29 2.56 15.58 18.61
CA ALA B 29 1.52 15.03 19.48
C ALA B 29 1.86 13.65 20.07
N GLY B 30 2.82 12.96 19.47
CA GLY B 30 3.20 11.65 19.96
C GLY B 30 2.07 10.66 19.80
N GLY B 31 1.75 9.92 20.86
CA GLY B 31 0.67 8.95 20.79
C GLY B 31 0.93 7.77 19.87
N GLY B 32 -0.04 7.49 19.00
CA GLY B 32 0.08 6.38 18.07
C GLY B 32 1.21 6.48 17.06
N ASP B 33 1.47 7.68 16.57
CA ASP B 33 2.54 7.90 15.61
C ASP B 33 3.86 8.12 16.34
N TYR B 34 4.64 7.06 16.47
CA TYR B 34 5.93 7.08 17.17
C TYR B 34 6.83 8.25 16.77
N HIS B 35 6.79 8.62 15.49
CA HIS B 35 7.64 9.70 14.99
C HIS B 35 7.07 11.10 15.06
N ASP B 36 5.87 11.25 15.60
CA ASP B 36 5.28 12.58 15.70
C ASP B 36 5.78 13.19 17.02
N GLN B 37 7.09 13.44 17.07
CA GLN B 37 7.73 14.01 18.26
C GLN B 37 8.14 15.46 18.05
N GLY B 38 8.71 16.05 19.09
CA GLY B 38 9.15 17.43 19.02
C GLY B 38 10.61 17.50 18.58
N GLY B 39 11.29 18.57 18.97
CA GLY B 39 12.69 18.73 18.60
C GLY B 39 13.64 18.02 19.54
N ASN B 40 14.92 18.00 19.17
CA ASN B 40 15.97 17.35 19.96
C ASN B 40 15.59 15.97 20.48
N HIS B 41 15.00 15.15 19.61
CA HIS B 41 14.60 13.80 19.98
C HIS B 41 15.56 12.83 19.29
N TRP B 42 16.04 11.82 20.02
CA TRP B 42 16.97 10.87 19.43
C TRP B 42 16.39 10.20 18.19
N ILE B 43 15.07 10.00 18.20
CA ILE B 43 14.41 9.34 17.08
C ILE B 43 14.39 10.13 15.78
N ASP B 44 14.94 11.34 15.81
CA ASP B 44 15.00 12.19 14.62
C ASP B 44 16.41 12.73 14.46
N ASP B 45 17.36 12.11 15.14
CA ASP B 45 18.74 12.57 15.11
C ASP B 45 19.64 11.92 14.05
N HIS B 46 19.63 12.50 12.85
CA HIS B 46 20.46 12.02 11.76
C HIS B 46 20.31 10.50 11.55
N ILE B 47 19.07 10.03 11.50
CA ILE B 47 18.79 8.61 11.29
C ILE B 47 18.87 8.30 9.80
N ALA B 48 19.60 7.25 9.44
CA ALA B 48 19.73 6.86 8.02
C ALA B 48 18.38 6.40 7.47
N THR B 49 18.04 6.88 6.28
CA THR B 49 16.77 6.55 5.62
C THR B 49 16.95 6.54 4.11
N PRO B 50 15.89 6.19 3.36
CA PRO B 50 16.02 6.19 1.90
C PRO B 50 16.16 7.63 1.39
N MET B 51 15.91 8.60 2.28
CA MET B 51 16.00 10.02 1.92
C MET B 51 17.23 10.76 2.43
N SER B 52 17.99 10.16 3.35
CA SER B 52 19.15 10.84 3.92
C SER B 52 20.30 11.09 2.94
N LYS B 53 20.18 10.55 1.73
CA LYS B 53 21.20 10.76 0.71
C LYS B 53 21.05 12.19 0.19
N TYR B 54 19.91 12.80 0.47
CA TYR B 54 19.62 14.18 0.07
C TYR B 54 20.01 15.12 1.21
N ARG B 55 20.89 16.07 0.92
CA ARG B 55 21.36 17.00 1.96
C ARG B 55 20.26 17.67 2.78
N ASP B 56 19.16 18.05 2.12
CA ASP B 56 18.07 18.72 2.83
C ASP B 56 17.27 17.79 3.73
N TYR B 57 17.44 16.48 3.54
CA TYR B 57 16.69 15.52 4.34
C TYR B 57 17.57 14.53 5.09
N GLU B 58 18.85 14.85 5.23
CA GLU B 58 19.79 13.97 5.93
C GLU B 58 19.73 14.05 7.46
N GLN B 59 19.64 15.27 7.99
CA GLN B 59 19.63 15.45 9.45
C GLN B 59 18.33 15.07 10.15
N SER B 60 17.19 15.34 9.51
CA SER B 60 15.90 15.08 10.13
C SER B 60 14.92 14.28 9.28
N ARG B 61 14.28 13.28 9.88
CA ARG B 61 13.30 12.49 9.15
C ARG B 61 12.02 13.31 9.11
N GLN B 62 11.82 14.13 10.14
CA GLN B 62 10.65 14.98 10.18
C GLN B 62 10.68 15.93 8.99
N SER B 63 11.88 16.33 8.57
CA SER B 63 12.01 17.25 7.44
C SER B 63 11.42 16.69 6.14
N PHE B 64 11.50 15.37 5.94
CA PHE B 64 10.92 14.81 4.72
C PHE B 64 9.47 14.40 4.92
N GLY B 65 8.97 14.60 6.15
CA GLY B 65 7.59 14.28 6.44
C GLY B 65 7.24 12.96 7.10
N ILE B 66 8.12 12.43 7.94
CA ILE B 66 7.82 11.17 8.61
C ILE B 66 6.70 11.35 9.64
N ASN B 67 6.32 12.60 9.88
CA ASN B 67 5.30 12.93 10.88
C ASN B 67 4.00 13.52 10.35
N VAL B 68 3.76 13.45 9.04
CA VAL B 68 2.55 14.03 8.48
C VAL B 68 1.23 13.33 8.79
N LEU B 69 1.28 12.03 9.05
CA LEU B 69 0.06 11.27 9.31
C LEU B 69 -0.54 11.47 10.69
N GLY B 70 0.29 11.39 11.72
CA GLY B 70 -0.23 11.56 13.06
C GLY B 70 -0.93 10.30 13.55
N THR B 71 -1.70 10.45 14.62
CA THR B 71 -2.40 9.34 15.25
C THR B 71 -3.85 9.13 14.87
N LEU B 72 -4.20 7.88 14.56
CA LEU B 72 -5.57 7.52 14.25
C LEU B 72 -6.14 6.84 15.49
N ILE B 73 -7.35 7.22 15.87
CA ILE B 73 -8.00 6.62 17.02
C ILE B 73 -9.34 6.06 16.55
N VAL B 74 -9.56 4.77 16.77
CA VAL B 74 -10.81 4.15 16.38
C VAL B 74 -11.54 3.63 17.61
N GLU B 75 -12.81 3.98 17.74
CA GLU B 75 -13.60 3.52 18.86
C GLU B 75 -14.87 2.86 18.34
N VAL B 76 -15.15 1.66 18.84
CA VAL B 76 -16.34 0.92 18.45
C VAL B 76 -17.26 0.86 19.66
N GLU B 77 -18.53 1.19 19.47
CA GLU B 77 -19.49 1.16 20.57
C GLU B 77 -20.56 0.11 20.36
N ALA B 78 -20.78 -0.71 21.39
CA ALA B 78 -21.79 -1.76 21.32
C ALA B 78 -23.16 -1.19 21.68
N GLU B 79 -24.21 -1.94 21.39
CA GLU B 79 -25.58 -1.52 21.69
C GLU B 79 -25.78 -1.28 23.19
N ASN B 80 -25.00 -1.97 24.01
CA ASN B 80 -25.11 -1.83 25.45
C ASN B 80 -24.26 -0.68 25.98
N ARG B 81 -23.79 0.16 25.06
CA ARG B 81 -22.98 1.33 25.39
C ARG B 81 -21.53 1.06 25.77
N GLN B 82 -21.13 -0.21 25.82
CA GLN B 82 -19.73 -0.53 26.13
C GLN B 82 -18.89 -0.18 24.92
N THR B 83 -17.67 0.27 25.15
CA THR B 83 -16.79 0.66 24.04
C THR B 83 -15.42 0.00 24.07
N GLY B 84 -14.80 -0.05 22.90
CA GLY B 84 -13.48 -0.61 22.75
C GLY B 84 -12.77 0.34 21.79
N PHE B 85 -11.45 0.44 21.88
CA PHE B 85 -10.74 1.35 20.99
C PHE B 85 -9.30 0.90 20.79
N ALA B 86 -8.61 1.59 19.87
CA ALA B 86 -7.22 1.31 19.58
C ALA B 86 -6.67 2.52 18.85
N VAL B 87 -5.35 2.60 18.76
CA VAL B 87 -4.71 3.71 18.08
C VAL B 87 -3.66 3.15 17.13
N SER B 88 -3.30 3.95 16.13
CA SER B 88 -2.30 3.55 15.16
C SER B 88 -1.85 4.81 14.41
N THR B 89 -1.08 4.62 13.35
CA THR B 89 -0.58 5.73 12.55
C THR B 89 -1.37 5.84 11.24
N ALA B 90 -2.14 6.92 11.10
CA ALA B 90 -2.94 7.15 9.88
C ALA B 90 -3.59 8.53 9.92
N GLY B 91 -3.89 9.01 11.11
CA GLY B 91 -4.51 10.32 11.25
C GLY B 91 -5.79 10.59 10.50
N GLU B 92 -5.87 11.79 9.92
CA GLU B 92 -7.06 12.23 9.20
C GLU B 92 -7.51 11.31 8.07
N MET B 93 -6.58 10.89 7.22
CA MET B 93 -6.95 9.99 6.13
C MET B 93 -7.49 8.69 6.68
N GLY B 94 -6.94 8.25 7.81
CA GLY B 94 -7.42 7.03 8.43
C GLY B 94 -8.87 7.21 8.79
N CYS B 95 -9.22 8.40 9.29
CA CYS B 95 -10.60 8.70 9.65
C CYS B 95 -11.52 8.61 8.43
N PHE B 96 -11.05 9.07 7.28
CA PHE B 96 -11.86 9.03 6.06
C PHE B 96 -12.20 7.57 5.77
N ILE B 97 -11.18 6.72 5.77
CA ILE B 97 -11.37 5.31 5.49
C ILE B 97 -12.37 4.63 6.42
N VAL B 98 -12.25 4.91 7.73
CA VAL B 98 -13.18 4.31 8.69
C VAL B 98 -14.60 4.84 8.59
N GLU B 99 -14.75 6.16 8.58
CA GLU B 99 -16.07 6.79 8.52
C GLU B 99 -16.80 6.75 7.18
N LYS B 100 -16.04 6.72 6.08
CA LYS B 100 -16.64 6.74 4.76
C LYS B 100 -16.62 5.41 3.98
N HIS B 101 -16.01 4.38 4.55
CA HIS B 101 -15.95 3.10 3.85
C HIS B 101 -16.16 1.88 4.74
N LEU B 102 -15.23 1.66 5.67
CA LEU B 102 -15.26 0.49 6.54
C LEU B 102 -16.45 0.38 7.51
N ASN B 103 -17.04 1.51 7.89
CA ASN B 103 -18.17 1.48 8.81
C ASN B 103 -19.27 0.52 8.37
N ARG B 104 -19.45 0.37 7.06
CA ARG B 104 -20.49 -0.49 6.54
C ARG B 104 -20.32 -1.97 6.87
N PHE B 105 -19.08 -2.38 7.14
CA PHE B 105 -18.80 -3.78 7.47
C PHE B 105 -18.80 -4.01 8.99
N ILE B 106 -18.63 -2.92 9.73
CA ILE B 106 -18.55 -2.98 11.19
C ILE B 106 -19.88 -2.88 11.92
N GLU B 107 -20.59 -1.78 11.70
CA GLU B 107 -21.86 -1.55 12.36
C GLU B 107 -22.93 -2.59 12.00
N GLY B 108 -23.59 -3.11 13.03
CA GLY B 108 -24.63 -4.11 12.82
C GLY B 108 -24.16 -5.52 13.08
N LYS B 109 -22.84 -5.69 13.15
CA LYS B 109 -22.23 -7.00 13.41
C LYS B 109 -22.25 -7.33 14.89
N CYS B 110 -22.03 -8.60 15.21
CA CYS B 110 -21.96 -9.01 16.60
C CYS B 110 -20.55 -8.63 17.05
N VAL B 111 -20.37 -8.31 18.32
CA VAL B 111 -19.03 -7.95 18.79
C VAL B 111 -18.03 -9.09 18.61
N SER B 112 -18.55 -10.31 18.41
CA SER B 112 -17.68 -11.47 18.21
C SER B 112 -17.34 -11.71 16.73
N ASP B 113 -17.96 -10.95 15.82
CA ASP B 113 -17.69 -11.13 14.38
C ASP B 113 -16.38 -10.48 13.95
N ILE B 114 -15.33 -10.61 14.77
CA ILE B 114 -14.05 -9.98 14.45
C ILE B 114 -13.37 -10.48 13.16
N LYS B 115 -13.25 -11.79 13.00
CA LYS B 115 -12.60 -12.32 11.81
C LYS B 115 -13.37 -12.06 10.53
N LEU B 116 -14.70 -12.00 10.64
CA LEU B 116 -15.56 -11.74 9.49
C LEU B 116 -15.34 -10.31 9.03
N ILE B 117 -15.40 -9.37 9.97
CA ILE B 117 -15.19 -7.97 9.67
C ILE B 117 -13.80 -7.76 9.08
N HIS B 118 -12.82 -8.48 9.62
CA HIS B 118 -11.46 -8.35 9.14
C HIS B 118 -11.34 -8.79 7.68
N ASP B 119 -11.96 -9.91 7.34
CA ASP B 119 -11.89 -10.39 5.96
C ASP B 119 -12.60 -9.44 5.01
N GLN B 120 -13.71 -8.85 5.48
CA GLN B 120 -14.44 -7.93 4.63
C GLN B 120 -13.67 -6.63 4.43
N MET B 121 -12.97 -6.17 5.46
CA MET B 121 -12.17 -4.96 5.30
C MET B 121 -11.06 -5.19 4.27
N LEU B 122 -10.41 -6.36 4.35
CA LEU B 122 -9.33 -6.67 3.41
C LEU B 122 -9.86 -6.81 1.98
N GLY B 123 -10.98 -7.51 1.85
CA GLY B 123 -11.56 -7.71 0.53
C GLY B 123 -12.06 -6.43 -0.12
N ALA B 124 -12.70 -5.58 0.67
CA ALA B 124 -13.26 -4.33 0.16
C ALA B 124 -12.25 -3.23 -0.16
N THR B 125 -11.07 -3.31 0.45
CA THR B 125 -10.03 -2.31 0.21
C THR B 125 -8.88 -2.84 -0.63
N MET B 126 -8.97 -4.09 -1.08
CA MET B 126 -7.88 -4.67 -1.86
C MET B 126 -7.48 -3.84 -3.07
N TYR B 127 -8.45 -3.17 -3.70
CA TYR B 127 -8.15 -2.38 -4.88
C TYR B 127 -7.34 -1.11 -4.62
N TYR B 128 -7.20 -0.71 -3.35
CA TYR B 128 -6.43 0.50 -3.06
C TYR B 128 -5.56 0.44 -1.80
N SER B 129 -5.51 -0.72 -1.15
CA SER B 129 -4.72 -0.85 0.07
C SER B 129 -3.22 -0.99 -0.13
N GLY B 130 -2.80 -1.47 -1.30
CA GLY B 130 -1.38 -1.66 -1.54
C GLY B 130 -0.80 -2.73 -0.63
N SER B 131 -1.67 -3.52 -0.02
CA SER B 131 -1.24 -4.59 0.89
C SER B 131 -0.33 -4.13 2.04
N GLY B 132 -0.41 -2.85 2.41
CA GLY B 132 0.43 -2.37 3.49
C GLY B 132 0.39 -0.86 3.62
N GLY B 133 1.07 -0.33 4.63
CA GLY B 133 1.07 1.11 4.82
C GLY B 133 -0.24 1.68 5.30
N LEU B 134 -0.44 2.97 5.01
CA LEU B 134 -1.62 3.73 5.42
C LEU B 134 -2.95 2.99 5.55
N VAL B 135 -3.42 2.39 4.46
CA VAL B 135 -4.69 1.69 4.50
C VAL B 135 -4.66 0.49 5.45
N MET B 136 -3.56 -0.26 5.45
CA MET B 136 -3.47 -1.43 6.32
C MET B 136 -3.38 -0.99 7.79
N ASN B 137 -2.77 0.16 8.02
CA ASN B 137 -2.65 0.70 9.38
C ASN B 137 -4.06 0.95 9.91
N THR B 138 -4.91 1.49 9.02
CA THR B 138 -6.29 1.80 9.37
C THR B 138 -7.09 0.54 9.67
N ILE B 139 -6.93 -0.46 8.83
CA ILE B 139 -7.62 -1.74 9.02
C ILE B 139 -7.17 -2.35 10.35
N SER B 140 -5.86 -2.28 10.62
CA SER B 140 -5.31 -2.84 11.84
C SER B 140 -5.93 -2.14 13.07
N CYS B 141 -6.07 -0.83 12.99
CA CYS B 141 -6.64 -0.07 14.11
C CYS B 141 -8.07 -0.53 14.39
N VAL B 142 -8.85 -0.76 13.35
CA VAL B 142 -10.21 -1.23 13.54
C VAL B 142 -10.20 -2.61 14.17
N ASP B 143 -9.34 -3.50 13.65
CA ASP B 143 -9.23 -4.86 14.17
C ASP B 143 -8.93 -4.83 15.67
N LEU B 144 -7.96 -4.02 16.07
CA LEU B 144 -7.59 -3.93 17.48
C LEU B 144 -8.73 -3.36 18.32
N ALA B 145 -9.44 -2.37 17.80
CA ALA B 145 -10.55 -1.78 18.53
C ALA B 145 -11.63 -2.85 18.76
N LEU B 146 -11.84 -3.70 17.77
CA LEU B 146 -12.82 -4.77 17.89
C LEU B 146 -12.42 -5.79 18.95
N TRP B 147 -11.15 -6.17 18.98
CA TRP B 147 -10.68 -7.12 19.99
C TRP B 147 -10.84 -6.49 21.37
N ASP B 148 -10.50 -5.21 21.48
CA ASP B 148 -10.61 -4.49 22.74
C ASP B 148 -12.06 -4.50 23.21
N LEU B 149 -12.99 -4.16 22.32
CA LEU B 149 -14.40 -4.14 22.68
C LEU B 149 -14.88 -5.53 23.09
N PHE B 150 -14.51 -6.53 22.31
CA PHE B 150 -14.93 -7.90 22.60
C PHE B 150 -14.45 -8.35 23.98
N GLY B 151 -13.18 -8.10 24.28
CA GLY B 151 -12.63 -8.48 25.57
C GLY B 151 -13.30 -7.72 26.71
N LYS B 152 -13.58 -6.44 26.49
CA LYS B 152 -14.23 -5.63 27.52
C LYS B 152 -15.67 -6.06 27.73
N VAL B 153 -16.33 -6.53 26.68
CA VAL B 153 -17.71 -6.99 26.80
C VAL B 153 -17.74 -8.31 27.57
N VAL B 154 -16.79 -9.20 27.25
CA VAL B 154 -16.70 -10.49 27.90
C VAL B 154 -16.12 -10.40 29.30
N GLY B 155 -15.28 -9.39 29.53
CA GLY B 155 -14.67 -9.20 30.83
C GLY B 155 -13.36 -9.96 30.97
N LEU B 156 -12.66 -10.14 29.85
CA LEU B 156 -11.39 -10.85 29.87
C LEU B 156 -10.30 -10.12 29.12
N PRO B 157 -9.04 -10.30 29.54
CA PRO B 157 -7.95 -9.62 28.84
C PRO B 157 -7.81 -10.36 27.50
N VAL B 158 -7.37 -9.65 26.47
CA VAL B 158 -7.21 -10.28 25.18
C VAL B 158 -6.30 -11.51 25.25
N TYR B 159 -5.24 -11.44 26.05
CA TYR B 159 -4.32 -12.56 26.14
C TYR B 159 -4.97 -13.85 26.64
N LYS B 160 -6.03 -13.73 27.43
CA LYS B 160 -6.69 -14.94 27.89
C LYS B 160 -7.64 -15.47 26.83
N LEU B 161 -8.24 -14.58 26.05
CA LEU B 161 -9.15 -15.00 24.98
C LEU B 161 -8.36 -15.80 23.95
N LEU B 162 -7.10 -15.42 23.76
CA LEU B 162 -6.23 -16.08 22.79
C LEU B 162 -5.71 -17.45 23.19
N GLY B 163 -5.85 -17.80 24.46
CA GLY B 163 -5.37 -19.10 24.89
C GLY B 163 -4.37 -19.01 26.03
N GLY B 164 -4.32 -17.85 26.68
CA GLY B 164 -3.43 -17.67 27.82
C GLY B 164 -1.97 -17.41 27.58
N ALA B 165 -1.29 -16.94 28.62
CA ALA B 165 0.14 -16.65 28.54
C ALA B 165 0.93 -17.94 28.58
N VAL B 166 2.08 -17.95 27.91
CA VAL B 166 2.94 -19.12 27.91
C VAL B 166 4.21 -18.77 28.67
N ARG B 167 4.17 -17.62 29.34
CA ARG B 167 5.27 -17.12 30.16
C ARG B 167 4.67 -16.14 31.18
N ASP B 168 5.26 -16.06 32.37
CA ASP B 168 4.73 -15.19 33.41
C ASP B 168 5.07 -13.71 33.26
N GLU B 169 6.05 -13.40 32.43
CA GLU B 169 6.41 -12.01 32.21
C GLU B 169 7.06 -11.84 30.84
N ILE B 170 6.95 -10.63 30.31
CA ILE B 170 7.54 -10.31 29.03
C ILE B 170 8.85 -9.58 29.28
N GLN B 171 9.93 -10.05 28.67
CA GLN B 171 11.22 -9.40 28.82
C GLN B 171 11.44 -8.55 27.57
N PHE B 172 11.99 -7.35 27.78
CA PHE B 172 12.19 -6.41 26.68
C PHE B 172 13.62 -6.00 26.38
N TYR B 173 13.83 -5.60 25.13
CA TYR B 173 15.11 -5.05 24.70
C TYR B 173 14.64 -3.63 24.39
N ALA B 174 15.53 -2.65 24.48
CA ALA B 174 15.12 -1.27 24.23
C ALA B 174 15.70 -0.71 22.97
N THR B 175 14.88 0.05 22.24
CA THR B 175 15.33 0.67 21.01
C THR B 175 15.55 2.16 21.27
N GLY B 176 16.78 2.61 21.02
CA GLY B 176 17.11 4.00 21.26
C GLY B 176 18.60 4.23 21.18
N ALA B 177 19.02 5.46 21.39
CA ALA B 177 20.42 5.84 21.32
C ALA B 177 21.28 5.48 22.53
N ARG B 178 20.65 5.02 23.62
CA ARG B 178 21.42 4.71 24.81
C ARG B 178 21.32 3.28 25.37
N PRO B 179 21.87 2.30 24.65
CA PRO B 179 21.81 0.91 25.13
C PRO B 179 22.34 0.81 26.56
N ASP B 180 23.38 1.58 26.85
CA ASP B 180 23.98 1.58 28.19
C ASP B 180 22.99 1.98 29.26
N LEU B 181 22.19 3.01 29.01
CA LEU B 181 21.20 3.44 29.99
C LEU B 181 20.10 2.39 30.11
N ALA B 182 19.82 1.70 29.00
CA ALA B 182 18.79 0.67 28.99
C ALA B 182 19.22 -0.51 29.83
N LYS B 183 20.50 -0.84 29.79
CA LYS B 183 21.01 -1.96 30.59
C LYS B 183 20.77 -1.66 32.06
N GLU B 184 21.00 -0.40 32.45
CA GLU B 184 20.80 0.01 33.84
C GLU B 184 19.32 -0.11 34.21
N MET B 185 18.45 0.10 33.22
CA MET B 185 17.01 0.03 33.45
C MET B 185 16.48 -1.40 33.52
N GLY B 186 17.34 -2.37 33.20
CA GLY B 186 16.91 -3.76 33.27
C GLY B 186 16.61 -4.46 31.97
N PHE B 187 16.70 -3.74 30.84
CA PHE B 187 16.43 -4.34 29.54
C PHE B 187 17.47 -5.39 29.21
N ILE B 188 17.11 -6.36 28.37
CA ILE B 188 18.01 -7.44 27.99
C ILE B 188 18.89 -7.11 26.81
N GLY B 189 18.64 -5.97 26.18
CA GLY B 189 19.44 -5.57 25.03
C GLY B 189 19.11 -4.19 24.54
N GLY B 190 19.89 -3.69 23.58
CA GLY B 190 19.65 -2.37 23.06
C GLY B 190 19.85 -2.27 21.56
N LYS B 191 18.82 -1.81 20.86
CA LYS B 191 18.89 -1.67 19.41
C LYS B 191 19.09 -0.22 19.05
N MET B 192 20.15 0.05 18.31
CA MET B 192 20.49 1.40 17.88
C MET B 192 20.22 1.62 16.41
N PRO B 193 19.89 2.86 16.03
CA PRO B 193 19.62 3.17 14.63
C PRO B 193 20.93 3.52 13.94
N THR B 194 21.05 3.21 12.66
CA THR B 194 22.25 3.56 11.93
C THR B 194 22.08 5.04 11.59
N HIS B 195 23.19 5.77 11.49
CA HIS B 195 23.13 7.18 11.20
C HIS B 195 23.69 7.51 9.81
N TRP B 196 24.37 6.55 9.21
CA TRP B 196 24.96 6.76 7.90
C TRP B 196 24.45 5.72 6.91
N GLY B 197 24.53 6.04 5.63
CA GLY B 197 24.04 5.12 4.61
C GLY B 197 25.00 4.86 3.47
N PRO B 198 24.56 4.13 2.43
CA PRO B 198 25.40 3.81 1.27
C PRO B 198 26.20 4.98 0.71
N HIS B 199 25.57 6.14 0.63
CA HIS B 199 26.24 7.33 0.11
C HIS B 199 27.42 7.76 0.97
N ASP B 200 27.50 7.25 2.19
CA ASP B 200 28.59 7.58 3.10
C ASP B 200 29.74 6.58 2.98
N GLY B 201 29.52 5.52 2.22
CA GLY B 201 30.54 4.52 2.01
C GLY B 201 31.23 3.94 3.23
N ASP B 202 32.53 3.66 3.07
CA ASP B 202 33.33 3.07 4.13
C ASP B 202 33.35 3.88 5.43
N ALA B 203 33.31 5.20 5.30
CA ALA B 203 33.31 6.06 6.48
C ALA B 203 32.01 5.82 7.26
N GLY B 204 30.90 5.70 6.54
CA GLY B 204 29.63 5.48 7.18
C GLY B 204 29.63 4.17 7.95
N ILE B 205 30.20 3.13 7.32
CA ILE B 205 30.29 1.82 7.94
C ILE B 205 31.15 1.89 9.20
N ARG B 206 32.30 2.54 9.06
CA ARG B 206 33.23 2.70 10.17
C ARG B 206 32.55 3.37 11.36
N LYS B 207 31.85 4.47 11.10
CA LYS B 207 31.18 5.22 12.14
C LYS B 207 30.07 4.44 12.86
N ASP B 208 29.16 3.82 12.12
CA ASP B 208 28.10 3.08 12.80
C ASP B 208 28.66 1.85 13.52
N ALA B 209 29.70 1.25 12.97
CA ALA B 209 30.31 0.09 13.61
C ALA B 209 31.02 0.54 14.89
N ALA B 210 31.61 1.73 14.85
CA ALA B 210 32.29 2.27 16.02
C ALA B 210 31.27 2.49 17.13
N MET B 211 30.08 2.95 16.73
CA MET B 211 28.99 3.21 17.66
C MET B 211 28.61 1.92 18.39
N VAL B 212 28.59 0.80 17.66
CA VAL B 212 28.26 -0.48 18.25
C VAL B 212 29.41 -0.93 19.14
N ALA B 213 30.64 -0.78 18.66
CA ALA B 213 31.82 -1.17 19.42
C ALA B 213 31.84 -0.47 20.78
N ASP B 214 31.50 0.82 20.78
CA ASP B 214 31.47 1.61 21.99
C ASP B 214 30.46 1.07 23.00
N MET B 215 29.25 0.76 22.53
CA MET B 215 28.23 0.24 23.43
C MET B 215 28.54 -1.18 23.90
N ARG B 216 29.30 -1.93 23.10
CA ARG B 216 29.66 -3.29 23.51
C ARG B 216 30.62 -3.19 24.70
N GLU B 217 31.53 -2.23 24.62
CA GLU B 217 32.50 -2.01 25.68
C GLU B 217 31.76 -1.58 26.95
N LYS B 218 30.79 -0.69 26.80
CA LYS B 218 30.04 -0.18 27.94
C LYS B 218 28.99 -1.13 28.51
N CYS B 219 28.41 -1.99 27.68
CA CYS B 219 27.36 -2.89 28.14
C CYS B 219 27.74 -4.32 28.51
N GLY B 220 28.91 -4.77 28.10
CA GLY B 220 29.29 -6.13 28.41
C GLY B 220 28.92 -7.08 27.28
N PRO B 221 29.38 -8.34 27.33
CA PRO B 221 29.10 -9.36 26.30
C PRO B 221 27.70 -9.96 26.22
N ASP B 222 27.00 -10.09 27.34
CA ASP B 222 25.69 -10.70 27.32
C ASP B 222 24.50 -9.79 27.01
N PHE B 223 24.69 -8.48 27.17
CA PHE B 223 23.62 -7.54 26.87
C PHE B 223 23.57 -7.47 25.34
N TRP B 224 22.43 -7.78 24.74
CA TRP B 224 22.34 -7.76 23.28
C TRP B 224 22.44 -6.39 22.66
N LEU B 225 23.04 -6.35 21.47
CA LEU B 225 23.16 -5.11 20.72
C LEU B 225 22.65 -5.41 19.30
N MET B 226 21.84 -4.50 18.77
CA MET B 226 21.29 -4.66 17.43
C MET B 226 21.33 -3.34 16.68
N LEU B 227 21.27 -3.41 15.35
CA LEU B 227 21.26 -2.21 14.53
C LEU B 227 19.98 -2.17 13.71
N ASP B 228 19.30 -1.01 13.75
CA ASP B 228 18.10 -0.82 12.98
C ASP B 228 18.52 0.05 11.80
N CYS B 229 18.23 -0.40 10.58
CA CYS B 229 18.66 0.34 9.39
C CYS B 229 17.56 1.03 8.60
N TRP B 230 16.34 0.96 9.12
CA TRP B 230 15.16 1.59 8.52
C TRP B 230 15.12 1.74 6.99
N MET B 231 15.14 0.61 6.28
CA MET B 231 15.05 0.58 4.81
C MET B 231 16.06 1.43 4.06
N SER B 232 17.12 1.86 4.72
CA SER B 232 18.10 2.77 4.13
C SER B 232 19.31 2.25 3.35
N GLN B 233 19.46 0.94 3.23
CA GLN B 233 20.64 0.42 2.55
C GLN B 233 20.35 -0.39 1.31
N ASP B 234 21.40 -1.03 0.80
CA ASP B 234 21.30 -1.91 -0.35
C ASP B 234 22.03 -3.16 0.12
N VAL B 235 21.99 -4.23 -0.67
CA VAL B 235 22.64 -5.46 -0.24
C VAL B 235 24.14 -5.36 0.06
N ASN B 236 24.91 -4.69 -0.79
CA ASN B 236 26.34 -4.58 -0.57
C ASN B 236 26.70 -3.80 0.69
N TYR B 237 26.06 -2.65 0.90
CA TYR B 237 26.33 -1.83 2.07
C TYR B 237 25.96 -2.60 3.34
N ALA B 238 24.78 -3.20 3.34
CA ALA B 238 24.31 -3.97 4.48
C ALA B 238 25.24 -5.13 4.81
N THR B 239 25.79 -5.76 3.76
CA THR B 239 26.70 -6.88 3.95
C THR B 239 27.99 -6.41 4.61
N LYS B 240 28.52 -5.29 4.12
CA LYS B 240 29.75 -4.75 4.70
C LYS B 240 29.53 -4.35 6.15
N LEU B 241 28.41 -3.68 6.43
CA LEU B 241 28.12 -3.26 7.79
C LEU B 241 27.99 -4.46 8.71
N ALA B 242 27.26 -5.49 8.26
CA ALA B 242 27.07 -6.69 9.06
C ALA B 242 28.41 -7.32 9.42
N HIS B 243 29.29 -7.45 8.44
CA HIS B 243 30.59 -8.04 8.70
C HIS B 243 31.47 -7.14 9.57
N ALA B 244 31.29 -5.82 9.45
CA ALA B 244 32.06 -4.88 10.24
C ALA B 244 31.63 -4.93 11.71
N CYS B 245 30.43 -5.44 11.95
CA CYS B 245 29.90 -5.52 13.31
C CYS B 245 30.01 -6.91 13.93
N ALA B 246 30.40 -7.90 13.12
CA ALA B 246 30.53 -9.26 13.60
C ALA B 246 31.47 -9.40 14.81
N PRO B 247 32.61 -8.67 14.80
CA PRO B 247 33.56 -8.75 15.92
C PRO B 247 32.93 -8.40 17.26
N PHE B 248 31.82 -7.66 17.24
CA PHE B 248 31.16 -7.24 18.47
C PHE B 248 29.91 -8.06 18.77
N ASN B 249 29.76 -9.18 18.07
CA ASN B 249 28.62 -10.06 18.26
C ASN B 249 27.26 -9.34 18.16
N LEU B 250 27.09 -8.53 17.12
CA LEU B 250 25.82 -7.83 16.91
C LEU B 250 24.79 -8.96 16.74
N LYS B 251 23.73 -8.93 17.53
CA LYS B 251 22.72 -9.99 17.47
C LYS B 251 22.00 -10.02 16.13
N TRP B 252 21.58 -8.87 15.63
CA TRP B 252 20.90 -8.83 14.34
C TRP B 252 20.98 -7.45 13.68
N ILE B 253 20.81 -7.43 12.36
CA ILE B 253 20.82 -6.18 11.62
C ILE B 253 19.42 -6.15 11.01
N GLU B 254 18.68 -5.08 11.32
CA GLU B 254 17.28 -4.94 10.93
C GLU B 254 16.87 -4.03 9.79
N GLU B 255 15.87 -4.51 9.04
CA GLU B 255 15.28 -3.80 7.91
C GLU B 255 16.26 -3.02 7.05
N CYS B 256 17.29 -3.70 6.56
CA CYS B 256 18.29 -3.04 5.73
C CYS B 256 17.72 -2.55 4.41
N LEU B 257 16.68 -3.21 3.91
CA LEU B 257 16.09 -2.88 2.62
C LEU B 257 14.61 -2.51 2.59
N PRO B 258 14.20 -1.78 1.55
CA PRO B 258 12.80 -1.38 1.38
C PRO B 258 11.99 -2.70 1.40
N PRO B 259 10.73 -2.67 1.86
CA PRO B 259 9.90 -3.88 1.94
C PRO B 259 9.71 -4.77 0.71
N GLN B 260 9.66 -4.20 -0.49
CA GLN B 260 9.44 -5.03 -1.68
C GLN B 260 10.67 -5.83 -2.11
N GLN B 261 11.82 -5.52 -1.55
CA GLN B 261 13.04 -6.20 -1.95
C GLN B 261 13.27 -7.58 -1.33
N TYR B 262 12.32 -8.47 -1.55
CA TYR B 262 12.39 -9.84 -1.02
C TYR B 262 13.62 -10.58 -1.51
N GLU B 263 13.91 -10.45 -2.80
CA GLU B 263 15.06 -11.12 -3.39
C GLU B 263 16.34 -10.61 -2.75
N GLY B 264 16.38 -9.32 -2.45
CA GLY B 264 17.55 -8.74 -1.82
C GLY B 264 17.72 -9.28 -0.41
N TYR B 265 16.62 -9.46 0.30
CA TYR B 265 16.71 -9.99 1.67
C TYR B 265 17.24 -11.42 1.66
N ARG B 266 16.83 -12.20 0.65
CA ARG B 266 17.32 -13.57 0.55
C ARG B 266 18.83 -13.55 0.36
N GLU B 267 19.31 -12.66 -0.49
CA GLU B 267 20.73 -12.56 -0.74
C GLU B 267 21.48 -12.05 0.50
N LEU B 268 20.92 -11.04 1.17
CA LEU B 268 21.54 -10.48 2.37
C LEU B 268 21.68 -11.56 3.45
N LYS B 269 20.61 -12.31 3.67
CA LYS B 269 20.63 -13.37 4.66
C LYS B 269 21.73 -14.40 4.34
N ARG B 270 21.89 -14.71 3.06
CA ARG B 270 22.93 -15.65 2.66
C ARG B 270 24.33 -15.09 2.92
N ASN B 271 24.48 -13.78 2.74
CA ASN B 271 25.76 -13.09 2.93
C ASN B 271 26.10 -12.79 4.39
N ALA B 272 25.11 -12.90 5.27
CA ALA B 272 25.31 -12.57 6.68
C ALA B 272 26.37 -13.39 7.41
N PRO B 273 27.07 -12.74 8.36
CA PRO B 273 28.12 -13.41 9.13
C PRO B 273 27.47 -14.56 9.90
N ALA B 274 28.19 -15.66 10.06
CA ALA B 274 27.67 -16.83 10.77
C ALA B 274 27.09 -16.49 12.14
N GLY B 275 25.85 -16.89 12.38
CA GLY B 275 25.23 -16.63 13.66
C GLY B 275 24.55 -15.27 13.79
N MET B 276 24.86 -14.35 12.90
CA MET B 276 24.23 -13.03 12.94
C MET B 276 22.88 -13.09 12.22
N MET B 277 21.84 -12.60 12.88
CA MET B 277 20.51 -12.63 12.29
C MET B 277 20.16 -11.42 11.44
N VAL B 278 19.29 -11.64 10.47
CA VAL B 278 18.82 -10.60 9.58
C VAL B 278 17.31 -10.57 9.80
N THR B 279 16.77 -9.38 10.04
CA THR B 279 15.35 -9.24 10.31
C THR B 279 14.71 -8.12 9.50
N SER B 280 13.37 -8.09 9.52
CA SER B 280 12.58 -7.09 8.82
C SER B 280 11.11 -7.39 9.06
N GLY B 281 10.23 -6.59 8.46
CA GLY B 281 8.81 -6.85 8.61
C GLY B 281 7.91 -5.77 9.18
N GLU B 282 8.47 -4.79 9.89
CA GLU B 282 7.62 -3.77 10.47
C GLU B 282 6.80 -2.99 9.45
N HIS B 283 7.27 -2.90 8.21
CA HIS B 283 6.52 -2.18 7.20
C HIS B 283 5.72 -3.08 6.25
N HIS B 284 5.79 -4.39 6.48
CA HIS B 284 5.03 -5.31 5.63
C HIS B 284 3.61 -5.46 6.16
N GLY B 285 2.70 -5.84 5.26
CA GLY B 285 1.31 -6.00 5.64
C GLY B 285 0.66 -7.15 4.89
N THR B 286 -0.36 -7.75 5.50
CA THR B 286 -1.12 -8.90 4.95
C THR B 286 -0.34 -10.19 5.17
N LEU B 287 -1.06 -11.26 5.47
CA LEU B 287 -0.44 -12.54 5.73
C LEU B 287 0.36 -13.03 4.54
N GLN B 288 -0.16 -12.81 3.33
CA GLN B 288 0.54 -13.26 2.12
C GLN B 288 1.92 -12.60 1.97
N SER B 289 2.04 -11.32 2.30
CA SER B 289 3.35 -10.67 2.19
C SER B 289 4.34 -11.32 3.15
N PHE B 290 3.87 -11.68 4.34
CA PHE B 290 4.75 -12.31 5.31
C PHE B 290 5.15 -13.73 4.89
N ARG B 291 4.32 -14.38 4.07
CA ARG B 291 4.65 -15.71 3.58
C ARG B 291 5.87 -15.51 2.68
N THR B 292 5.80 -14.51 1.80
CA THR B 292 6.90 -14.24 0.89
C THR B 292 8.13 -13.82 1.68
N LEU B 293 7.93 -12.97 2.69
CA LEU B 293 9.05 -12.53 3.52
C LEU B 293 9.73 -13.70 4.23
N ALA B 294 8.91 -14.57 4.83
CA ALA B 294 9.44 -15.72 5.55
C ALA B 294 10.29 -16.61 4.65
N GLU B 295 9.85 -16.79 3.40
CA GLU B 295 10.60 -17.63 2.47
C GLU B 295 11.95 -17.08 2.02
N THR B 296 12.26 -15.84 2.38
CA THR B 296 13.55 -15.26 2.01
C THR B 296 14.60 -15.83 2.96
N GLY B 297 14.12 -16.44 4.04
CA GLY B 297 15.04 -17.02 5.00
C GLY B 297 15.47 -16.13 6.16
N ILE B 298 14.95 -14.91 6.24
CA ILE B 298 15.36 -14.05 7.36
C ILE B 298 14.94 -14.72 8.66
N ASP B 299 15.71 -14.43 9.72
CA ASP B 299 15.50 -15.03 11.03
C ASP B 299 14.30 -14.60 11.84
N ILE B 300 13.99 -13.31 11.79
CA ILE B 300 12.87 -12.79 12.56
C ILE B 300 12.02 -11.79 11.80
N MET B 301 10.71 -12.01 11.81
CA MET B 301 9.80 -11.09 11.16
C MET B 301 9.25 -10.20 12.26
N GLN B 302 9.18 -8.92 11.97
CA GLN B 302 8.76 -7.95 12.97
C GLN B 302 7.56 -7.08 12.63
N PRO B 303 6.39 -7.70 12.42
CA PRO B 303 5.23 -6.88 12.08
C PRO B 303 4.83 -5.95 13.22
N ASP B 304 4.23 -4.81 12.89
CA ASP B 304 3.73 -3.90 13.92
C ASP B 304 2.26 -4.30 13.96
N VAL B 305 1.74 -4.59 15.15
CA VAL B 305 0.36 -5.01 15.26
C VAL B 305 -0.61 -4.01 14.67
N GLY B 306 -0.27 -2.73 14.78
CA GLY B 306 -1.15 -1.71 14.26
C GLY B 306 -0.93 -1.36 12.80
N TRP B 307 0.02 -2.04 12.15
CA TRP B 307 0.32 -1.77 10.74
C TRP B 307 0.20 -2.99 9.83
N CYS B 308 0.44 -4.17 10.38
CA CYS B 308 0.43 -5.41 9.60
C CYS B 308 -0.93 -5.95 9.21
N GLY B 309 -1.98 -5.44 9.85
CA GLY B 309 -3.32 -5.90 9.58
C GLY B 309 -4.10 -6.09 10.88
N GLY B 310 -3.43 -5.92 12.01
CA GLY B 310 -4.10 -6.07 13.30
C GLY B 310 -3.71 -7.33 14.05
N LEU B 311 -4.35 -7.56 15.19
CA LEU B 311 -4.08 -8.74 16.00
C LEU B 311 -4.45 -10.01 15.23
N THR B 312 -5.58 -9.95 14.52
CA THR B 312 -6.05 -11.09 13.76
C THR B 312 -4.95 -11.58 12.82
N THR B 313 -4.28 -10.64 12.15
CA THR B 313 -3.20 -11.00 11.23
C THR B 313 -1.93 -11.40 11.97
N LEU B 314 -1.61 -10.70 13.05
CA LEU B 314 -0.40 -11.01 13.82
C LEU B 314 -0.40 -12.46 14.30
N VAL B 315 -1.54 -12.94 14.77
CA VAL B 315 -1.63 -14.32 15.26
C VAL B 315 -1.34 -15.31 14.12
N GLU B 316 -1.75 -14.96 12.91
CA GLU B 316 -1.50 -15.83 11.75
C GLU B 316 -0.02 -15.78 11.40
N ILE B 317 0.58 -14.59 11.46
CA ILE B 317 1.99 -14.45 11.16
C ILE B 317 2.82 -15.27 12.17
N ALA B 318 2.37 -15.29 13.42
CA ALA B 318 3.08 -16.05 14.45
C ALA B 318 3.07 -17.54 14.10
N ALA B 319 1.92 -18.04 13.65
CA ALA B 319 1.80 -19.45 13.29
C ALA B 319 2.69 -19.76 12.11
N LEU B 320 2.72 -18.85 11.14
CA LEU B 320 3.54 -18.99 9.95
C LEU B 320 5.01 -19.14 10.37
N ALA B 321 5.49 -18.21 11.19
CA ALA B 321 6.87 -18.26 11.67
C ALA B 321 7.13 -19.53 12.46
N LYS B 322 6.23 -19.86 13.38
CA LYS B 322 6.38 -21.06 14.20
C LYS B 322 6.47 -22.33 13.37
N SER B 323 5.70 -22.40 12.29
CA SER B 323 5.72 -23.59 11.45
C SER B 323 7.09 -23.78 10.80
N ARG B 324 7.85 -22.69 10.70
CA ARG B 324 9.17 -22.73 10.08
C ARG B 324 10.31 -22.63 11.08
N GLY B 325 9.98 -22.49 12.36
CA GLY B 325 11.01 -22.39 13.38
C GLY B 325 11.57 -20.97 13.47
N GLN B 326 10.86 -20.02 12.85
CA GLN B 326 11.29 -18.64 12.89
C GLN B 326 10.64 -17.98 14.10
N LEU B 327 11.17 -16.83 14.51
CA LEU B 327 10.62 -16.11 15.64
C LEU B 327 9.87 -14.89 15.14
N VAL B 328 8.92 -14.44 15.93
CA VAL B 328 8.18 -13.25 15.57
C VAL B 328 8.30 -12.30 16.76
N VAL B 329 8.92 -11.16 16.51
CA VAL B 329 9.11 -10.15 17.55
C VAL B 329 8.55 -8.85 17.00
N PRO B 330 7.27 -8.57 17.30
CA PRO B 330 6.58 -7.36 16.84
C PRO B 330 7.32 -6.06 17.09
N HIS B 331 7.02 -5.08 16.26
CA HIS B 331 7.59 -3.74 16.34
C HIS B 331 6.74 -2.92 17.31
N GLY B 332 7.35 -2.45 18.41
CA GLY B 332 6.63 -1.64 19.39
C GLY B 332 5.25 -2.16 19.72
N SER B 333 4.22 -1.34 19.48
CA SER B 333 2.82 -1.69 19.69
C SER B 333 2.25 -1.74 21.11
N SER B 334 3.09 -1.53 22.12
CA SER B 334 2.61 -1.51 23.50
C SER B 334 1.66 -2.69 23.82
N VAL B 335 0.57 -2.41 24.52
CA VAL B 335 -0.39 -3.45 24.91
C VAL B 335 -0.95 -4.30 23.77
N TYR B 336 -1.03 -3.73 22.57
CA TYR B 336 -1.56 -4.47 21.43
C TYR B 336 -0.64 -5.64 21.08
N SER B 337 0.64 -5.48 21.38
CA SER B 337 1.60 -6.54 21.14
C SER B 337 1.65 -7.43 22.40
N HIS B 338 1.74 -6.79 23.56
CA HIS B 338 1.84 -7.53 24.83
C HIS B 338 0.84 -8.66 24.99
N HIS B 339 -0.44 -8.37 24.77
CA HIS B 339 -1.47 -9.39 24.91
C HIS B 339 -1.33 -10.53 23.92
N ALA B 340 -0.69 -10.27 22.78
CA ALA B 340 -0.53 -11.32 21.78
C ALA B 340 0.74 -12.13 22.03
N VAL B 341 1.87 -11.44 22.11
CA VAL B 341 3.16 -12.10 22.28
C VAL B 341 3.33 -12.91 23.57
N ILE B 342 2.65 -12.51 24.64
CA ILE B 342 2.76 -13.25 25.90
C ILE B 342 2.17 -14.64 25.71
N THR B 343 1.39 -14.81 24.63
CA THR B 343 0.80 -16.11 24.35
C THR B 343 1.54 -16.86 23.24
N PHE B 344 2.58 -16.24 22.68
CA PHE B 344 3.36 -16.88 21.61
C PHE B 344 4.60 -17.57 22.12
N THR B 345 4.70 -18.87 21.89
CA THR B 345 5.88 -19.61 22.32
C THR B 345 7.09 -19.10 21.54
N ASN B 346 6.86 -18.62 20.32
CA ASN B 346 7.98 -18.13 19.51
C ASN B 346 8.26 -16.63 19.54
N THR B 347 7.89 -15.99 20.65
CA THR B 347 8.17 -14.56 20.86
C THR B 347 8.79 -14.50 22.26
N PRO B 348 10.02 -15.00 22.42
CA PRO B 348 10.75 -15.04 23.69
C PRO B 348 11.09 -13.70 24.33
N PHE B 349 11.01 -12.63 23.53
CA PHE B 349 11.29 -11.29 24.05
C PHE B 349 10.55 -10.29 23.20
N SER B 350 10.47 -9.05 23.68
CA SER B 350 9.74 -8.04 22.96
C SER B 350 10.48 -6.72 22.89
N GLU B 351 9.93 -5.78 22.12
CA GLU B 351 10.54 -4.47 21.96
C GLU B 351 9.84 -3.33 22.66
N PHE B 352 10.65 -2.39 23.16
CA PHE B 352 10.16 -1.19 23.79
C PHE B 352 10.91 -0.08 23.06
N LEU B 353 10.18 0.70 22.27
CA LEU B 353 10.78 1.80 21.51
C LEU B 353 10.75 3.07 22.35
N MET B 354 11.93 3.53 22.75
CA MET B 354 12.08 4.73 23.58
C MET B 354 11.43 5.99 23.02
N THR B 355 10.41 6.49 23.71
CA THR B 355 9.74 7.72 23.29
C THR B 355 10.36 8.89 24.06
N SER B 356 11.21 8.55 25.03
CA SER B 356 11.93 9.54 25.82
C SER B 356 12.92 10.22 24.88
N PRO B 357 12.88 11.56 24.77
CA PRO B 357 13.79 12.28 23.88
C PRO B 357 15.26 11.87 23.98
N ASP B 358 15.74 11.60 25.19
CA ASP B 358 17.14 11.22 25.37
C ASP B 358 17.33 9.81 25.89
N CYS B 359 16.28 9.00 25.79
CA CYS B 359 16.30 7.61 26.22
C CYS B 359 16.75 7.40 27.66
N SER B 360 16.39 8.33 28.54
CA SER B 360 16.78 8.24 29.94
C SER B 360 15.62 7.83 30.85
N THR B 361 14.40 7.91 30.34
CA THR B 361 13.23 7.56 31.15
C THR B 361 12.27 6.62 30.44
N LEU B 362 11.38 5.98 31.21
CA LEU B 362 10.42 5.05 30.66
C LEU B 362 9.10 5.67 30.25
N ARG B 363 9.17 6.74 29.45
CA ARG B 363 7.96 7.40 28.97
C ARG B 363 7.16 6.31 28.23
N PRO B 364 5.85 6.20 28.51
CA PRO B 364 5.02 5.19 27.84
C PRO B 364 5.16 5.16 26.32
N GLN B 365 5.10 3.94 25.76
CA GLN B 365 5.24 3.72 24.32
C GLN B 365 4.33 4.62 23.47
N PHE B 366 3.08 4.75 23.88
CA PHE B 366 2.13 5.57 23.13
C PHE B 366 1.73 6.84 23.88
N ASP B 367 2.61 7.31 24.75
CA ASP B 367 2.34 8.53 25.52
C ASP B 367 1.95 9.65 24.56
N PRO B 368 0.88 10.41 24.89
CA PRO B 368 0.04 10.31 26.08
C PRO B 368 -1.39 9.85 25.77
N ILE B 369 -1.61 9.30 24.58
CA ILE B 369 -2.94 8.88 24.18
C ILE B 369 -3.58 7.73 24.97
N LEU B 370 -2.76 6.90 25.61
CA LEU B 370 -3.29 5.79 26.40
C LEU B 370 -3.21 6.02 27.91
N LEU B 371 -4.36 5.92 28.59
CA LEU B 371 -4.40 6.09 30.03
C LEU B 371 -4.01 4.79 30.71
N ASP B 372 -3.20 4.89 31.77
CA ASP B 372 -2.75 3.72 32.51
C ASP B 372 -1.97 2.77 31.61
N GLU B 373 -1.17 3.31 30.70
CA GLU B 373 -0.40 2.47 29.80
C GLU B 373 0.77 1.85 30.54
N PRO B 374 0.85 0.51 30.53
CA PRO B 374 1.94 -0.21 31.21
C PRO B 374 3.28 0.10 30.58
N VAL B 375 4.33 0.08 31.40
CA VAL B 375 5.69 0.31 30.91
C VAL B 375 6.53 -0.75 31.58
N PRO B 376 7.60 -1.19 30.90
CA PRO B 376 8.40 -2.21 31.56
C PRO B 376 9.08 -1.69 32.83
N VAL B 377 9.04 -2.50 33.87
CA VAL B 377 9.67 -2.15 35.13
C VAL B 377 10.82 -3.13 35.28
N ASN B 378 12.03 -2.60 35.25
CA ASN B 378 13.24 -3.41 35.34
C ASN B 378 13.27 -4.30 34.10
N GLY B 379 12.90 -3.70 32.97
CA GLY B 379 12.90 -4.39 31.69
C GLY B 379 11.86 -5.47 31.50
N ARG B 380 10.84 -5.48 32.34
CA ARG B 380 9.80 -6.50 32.23
C ARG B 380 8.40 -6.06 32.56
N ILE B 381 7.42 -6.78 32.00
CA ILE B 381 6.03 -6.50 32.28
C ILE B 381 5.43 -7.84 32.70
N HIS B 382 5.03 -7.91 33.96
CA HIS B 382 4.45 -9.12 34.51
C HIS B 382 3.06 -9.33 33.92
N LYS B 383 2.67 -10.57 33.70
CA LYS B 383 1.37 -10.84 33.11
C LYS B 383 0.21 -10.30 33.93
N SER B 384 0.40 -10.19 35.25
CA SER B 384 -0.67 -9.67 36.11
C SER B 384 -1.00 -8.22 35.71
N VAL B 385 0.00 -7.50 35.21
CA VAL B 385 -0.19 -6.12 34.79
C VAL B 385 -1.18 -6.04 33.62
N LEU B 386 -1.23 -7.11 32.82
CA LEU B 386 -2.12 -7.16 31.67
C LEU B 386 -3.47 -7.80 32.00
N ASP B 387 -3.69 -8.08 33.28
CA ASP B 387 -4.93 -8.72 33.67
C ASP B 387 -6.12 -7.78 33.81
N LYS B 388 -6.52 -7.18 32.69
CA LYS B 388 -7.65 -6.27 32.64
C LYS B 388 -8.40 -6.53 31.35
N PRO B 389 -9.70 -6.21 31.30
CA PRO B 389 -10.52 -6.43 30.10
C PRO B 389 -9.94 -5.81 28.83
N GLY B 390 -10.10 -6.51 27.70
CA GLY B 390 -9.58 -6.02 26.44
C GLY B 390 -8.08 -5.86 26.51
N PHE B 391 -7.57 -4.73 26.02
CA PHE B 391 -6.15 -4.45 26.05
C PHE B 391 -5.77 -3.67 27.32
N GLY B 392 -6.73 -3.60 28.25
CA GLY B 392 -6.50 -2.96 29.54
C GLY B 392 -6.25 -1.47 29.67
N VAL B 393 -6.52 -0.67 28.65
CA VAL B 393 -6.31 0.77 28.76
C VAL B 393 -7.52 1.58 28.33
N GLU B 394 -7.51 2.86 28.67
CA GLU B 394 -8.60 3.76 28.32
C GLU B 394 -8.06 4.90 27.47
N LEU B 395 -8.92 5.50 26.67
CA LEU B 395 -8.52 6.60 25.80
C LEU B 395 -8.36 7.90 26.57
N ASN B 396 -7.24 8.57 26.37
CA ASN B 396 -7.00 9.84 27.06
C ASN B 396 -7.81 10.91 26.33
N ARG B 397 -9.05 11.10 26.76
CA ARG B 397 -9.95 12.07 26.14
C ARG B 397 -9.48 13.51 26.36
N ASP B 398 -8.48 13.70 27.21
CA ASP B 398 -7.97 15.05 27.47
C ASP B 398 -7.19 15.56 26.27
N CYS B 399 -6.68 14.63 25.46
CA CYS B 399 -5.94 15.02 24.26
C CYS B 399 -6.94 15.73 23.36
N HIS B 400 -6.43 16.57 22.47
CA HIS B 400 -7.31 17.31 21.57
C HIS B 400 -7.72 16.50 20.35
N LEU B 401 -8.57 15.50 20.59
CA LEU B 401 -9.05 14.64 19.52
C LEU B 401 -9.92 15.40 18.54
N LYS B 402 -9.69 15.18 17.25
CA LYS B 402 -10.44 15.83 16.20
C LYS B 402 -11.22 14.79 15.41
N ARG B 403 -12.47 15.12 15.09
CA ARG B 403 -13.38 14.25 14.35
C ARG B 403 -13.65 14.88 12.98
N PRO B 404 -12.75 14.67 12.01
CA PRO B 404 -12.90 15.22 10.66
C PRO B 404 -14.08 14.71 9.85
N TYR B 405 -14.54 13.50 10.13
CA TYR B 405 -15.65 12.91 9.39
C TYR B 405 -16.69 12.25 10.29
N SER B 406 -17.90 12.13 9.77
CA SER B 406 -18.99 11.48 10.48
C SER B 406 -19.83 10.77 9.43
N HIS B 407 -20.79 9.96 9.87
CA HIS B 407 -21.63 9.25 8.92
C HIS B 407 -23.00 8.92 9.51
O1A 3LR C . -9.88 -3.01 -17.55
C1 3LR C . -9.42 -3.80 -16.69
O1B 3LR C . -8.46 -4.60 -16.86
C2 3LR C . -10.10 -3.74 -15.31
O2 3LR C . -9.58 -4.76 -14.43
C3 3LR C . -11.62 -3.88 -15.50
C4 3LR C . -12.35 -4.29 -14.22
O4 3LR C . -13.04 -3.15 -13.72
C5 3LR C . -13.34 -5.43 -14.44
C6 3LR C . -14.54 -5.15 -15.36
O5 3LR C . -13.82 -5.85 -13.18
MG MG D . -8.01 -6.07 -15.29
MG MG E . 12.91 -1.26 12.92
C1 1N5 F . 11.95 -0.01 15.46
C2 1N5 F . 11.85 1.16 14.47
C3 1N5 F . 12.70 2.34 14.98
O4 1N5 F . 11.68 4.35 14.08
C7 1N5 F . 16.06 3.29 13.14
C4 1N5 F . 12.80 3.48 13.95
C5 1N5 F . 14.06 4.27 14.21
C6 1N5 F . 14.95 4.32 12.98
O2 1N5 F . 12.28 0.77 13.14
O7 1N5 F . 16.90 3.31 11.99
O1A 1N5 F . 12.29 -1.13 14.99
O1B 1N5 F . 11.68 0.21 16.67
#